data_7DM2
#
_entry.id   7DM2
#
_cell.length_a   56.405
_cell.length_b   56.734
_cell.length_c   65.852
_cell.angle_alpha   102.340
_cell.angle_beta   110.260
_cell.angle_gamma   93.210
#
_symmetry.space_group_name_H-M   'P 1'
#
loop_
_entity.id
_entity.type
_entity.pdbx_description
1 polymer 'Phosphate-binding protein PstS 1'
2 polymer 'light chain'
3 polymer 'heavy chain'
4 non-polymer 'PHOSPHATE ION'
5 water water
#
loop_
_entity_poly.entity_id
_entity_poly.type
_entity_poly.pdbx_seq_one_letter_code
_entity_poly.pdbx_strand_id
1 'polypeptide(L)'
;MGSKPPSGSPETGAGAGTVATTPASSPVTLAETGSTLLYPLFNLWGPAFHERYPNVTITAQGTGSGAGIAQAAAGTVNIG
ASDAYLSEGDMAAHKGLMNIALAISAQQVNYNLPGVSEHLKLNGKVLAAMYQGTIKTWDDPQIAALNPGVNLPGTAVVPL
HRSDGSGDTFLFTQYLSKQDPEGWGKSPGFGTTVDFPAVPGALGENGNGGMVTGCAETPGCVAYIGISFLDQASQRGLGE
AQLGNSSGNFLLPDAQSIQAAAAGFASKTPANQAISMIDGPAPDGYPIINYEYAIVNNRQKDAATAQTLQAFLHWAITDG
NKASFLDQVHFQPLPPAVVKLSDALIATISSLEHHHHHH
;
A
2 'polypeptide(L)'
;SWAQSVLTQTPSASGTPGQRVTISCSGSRSNIGSNYVYWFQQFPGAAPQLLIYRNIQRPSGVPARFSGSKSDTSASLAIS
GLRSEDEAHYYCAAWDDSLSGVVFGGGTKVTVLGQPKAAPSVTLFPPSSEELQANKATLVCLISDFYPGAVTVAWKADSS
PVKAGVETTTPSKQSNNKYAASSYLSLTPEQWKSHRSYSCQVTHEGSTVEKTVAPTECS
;
L
3 'polypeptide(L)'
;EVQLVESGGGLVKPGGSLRLSCAASGFTFSSHRMHWVRQAPGKGLEWVSSIISSRTYIYYADSVKGRFTISRDNSGNSLF
LQMNSLRVEDTAVYYCARGDYYYDGVASDPHFDNWGQGTLVTVSSASTKGPSVFPLAPSSKSTSGGTAALGCLVKDYFPE
PVTVSWNSGALTSGVHTFPAVLQSSGLYSLSSVVTVPSSSLGTQTYICNVNHKPSNTKVDKRVEPKSCDK
;
H
#
loop_
_chem_comp.id
_chem_comp.type
_chem_comp.name
_chem_comp.formula
PO4 non-polymer 'PHOSPHATE ION' 'O4 P -3'
#
# COMPACT_ATOMS: atom_id res chain seq x y z
N THR A 18 -6.86 -38.38 4.21
CA THR A 18 -6.24 -39.16 3.15
C THR A 18 -7.13 -39.19 1.90
N VAL A 19 -6.49 -39.13 0.72
CA VAL A 19 -7.22 -39.11 -0.54
C VAL A 19 -7.76 -40.49 -0.86
N ALA A 20 -8.92 -40.54 -1.50
CA ALA A 20 -9.46 -41.77 -2.04
C ALA A 20 -8.92 -41.97 -3.46
N THR A 21 -8.29 -43.10 -3.70
CA THR A 21 -7.64 -43.35 -4.99
C THR A 21 -8.55 -44.10 -5.96
N THR A 22 -9.45 -44.94 -5.47
CA THR A 22 -10.41 -45.64 -6.32
C THR A 22 -11.83 -45.18 -6.00
N PRO A 23 -12.69 -45.03 -7.00
CA PRO A 23 -14.08 -44.68 -6.73
C PRO A 23 -14.84 -45.86 -6.16
N ALA A 24 -15.99 -45.56 -5.56
CA ALA A 24 -16.83 -46.61 -5.01
C ALA A 24 -17.24 -47.59 -6.11
N SER A 25 -17.35 -48.87 -5.74
CA SER A 25 -17.83 -49.87 -6.69
C SER A 25 -19.31 -49.71 -7.00
N SER A 26 -20.05 -49.01 -6.13
CA SER A 26 -21.43 -48.70 -6.45
C SER A 26 -21.47 -47.74 -7.62
N PRO A 27 -22.44 -47.87 -8.52
CA PRO A 27 -22.61 -46.86 -9.56
C PRO A 27 -22.87 -45.50 -8.95
N VAL A 28 -22.17 -44.49 -9.45
CA VAL A 28 -22.26 -43.12 -8.96
C VAL A 28 -22.22 -42.18 -10.16
N THR A 29 -23.13 -41.22 -10.20
CA THR A 29 -23.13 -40.19 -11.23
C THR A 29 -22.66 -38.88 -10.60
N LEU A 30 -21.59 -38.32 -11.15
CA LEU A 30 -21.13 -36.99 -10.77
C LEU A 30 -21.60 -36.00 -11.83
N ALA A 31 -22.34 -34.98 -11.40
CA ALA A 31 -22.89 -33.96 -12.30
C ALA A 31 -22.10 -32.67 -12.14
N GLU A 32 -21.77 -32.04 -13.26
CA GLU A 32 -21.00 -30.81 -13.32
C GLU A 32 -21.76 -29.75 -14.09
N THR A 33 -21.53 -28.49 -13.73
CA THR A 33 -22.05 -27.38 -14.51
C THR A 33 -21.16 -26.17 -14.30
N GLY A 34 -21.18 -25.26 -15.27
CA GLY A 34 -20.47 -24.01 -15.09
C GLY A 34 -19.53 -23.61 -16.21
N SER A 35 -18.33 -23.19 -15.81
CA SER A 35 -17.31 -22.56 -16.66
C SER A 35 -17.26 -23.13 -18.07
N THR A 36 -17.55 -22.29 -19.06
CA THR A 36 -17.33 -22.66 -20.46
C THR A 36 -15.86 -22.69 -20.83
N LEU A 37 -15.01 -22.03 -20.05
CA LEU A 37 -13.57 -22.15 -20.27
C LEU A 37 -13.09 -23.56 -19.91
N LEU A 38 -13.60 -24.11 -18.82
CA LEU A 38 -13.22 -25.46 -18.39
C LEU A 38 -14.05 -26.54 -19.07
N TYR A 39 -15.22 -26.19 -19.60
CA TYR A 39 -16.10 -27.17 -20.24
C TYR A 39 -15.42 -28.08 -21.25
N PRO A 40 -14.65 -27.59 -22.23
CA PRO A 40 -14.10 -28.53 -23.22
C PRO A 40 -13.14 -29.53 -22.62
N LEU A 41 -12.33 -29.10 -21.65
CA LEU A 41 -11.45 -30.03 -20.96
C LEU A 41 -12.23 -31.01 -20.10
N PHE A 42 -13.33 -30.55 -19.49
CA PHE A 42 -14.16 -31.47 -18.71
C PHE A 42 -14.76 -32.56 -19.58
N ASN A 43 -15.02 -32.26 -20.86
CA ASN A 43 -15.55 -33.25 -21.77
C ASN A 43 -14.49 -34.20 -22.29
N LEU A 44 -13.23 -33.99 -21.93
CA LEU A 44 -12.18 -34.99 -22.10
C LEU A 44 -11.95 -35.78 -20.82
N TRP A 45 -12.02 -35.10 -19.67
CA TRP A 45 -11.82 -35.77 -18.39
C TRP A 45 -12.91 -36.80 -18.12
N GLY A 46 -14.16 -36.42 -18.32
CA GLY A 46 -15.30 -37.27 -18.04
C GLY A 46 -15.24 -38.63 -18.70
N PRO A 47 -15.21 -38.68 -20.03
CA PRO A 47 -15.23 -39.98 -20.71
C PRO A 47 -14.03 -40.86 -20.39
N ALA A 48 -12.84 -40.29 -20.29
CA ALA A 48 -11.65 -41.08 -19.96
C ALA A 48 -11.79 -41.72 -18.58
N PHE A 49 -12.18 -40.92 -17.58
CA PHE A 49 -12.41 -41.48 -16.25
C PHE A 49 -13.55 -42.48 -16.27
N HIS A 50 -14.55 -42.26 -17.12
CA HIS A 50 -15.64 -43.23 -17.26
C HIS A 50 -15.18 -44.47 -18.02
N GLU A 51 -14.30 -44.31 -19.00
CA GLU A 51 -13.72 -45.45 -19.69
C GLU A 51 -12.87 -46.32 -18.77
N ARG A 52 -12.36 -45.76 -17.68
CA ARG A 52 -11.59 -46.53 -16.71
C ARG A 52 -12.46 -47.05 -15.57
N TYR A 53 -13.53 -46.33 -15.24
CA TYR A 53 -14.47 -46.74 -14.18
C TYR A 53 -15.88 -46.65 -14.75
N PRO A 54 -16.35 -47.71 -15.40
CA PRO A 54 -17.66 -47.64 -16.09
C PRO A 54 -18.85 -47.43 -15.17
N ASN A 55 -18.73 -47.70 -13.88
CA ASN A 55 -19.85 -47.44 -12.98
C ASN A 55 -19.97 -45.96 -12.60
N VAL A 56 -18.99 -45.14 -12.98
CA VAL A 56 -18.98 -43.72 -12.68
C VAL A 56 -19.47 -42.97 -13.91
N THR A 57 -20.54 -42.19 -13.74
CA THR A 57 -21.10 -41.37 -14.81
C THR A 57 -20.80 -39.90 -14.53
N ILE A 58 -20.32 -39.20 -15.55
CA ILE A 58 -19.97 -37.78 -15.44
C ILE A 58 -20.74 -37.02 -16.51
N THR A 59 -21.51 -36.02 -16.08
CA THR A 59 -22.20 -35.13 -16.99
C THR A 59 -21.67 -33.71 -16.80
N ALA A 60 -21.62 -32.95 -17.90
CA ALA A 60 -21.02 -31.63 -17.90
C ALA A 60 -21.88 -30.68 -18.72
N GLN A 61 -21.93 -29.42 -18.27
CA GLN A 61 -22.63 -28.36 -18.99
C GLN A 61 -21.76 -27.11 -19.04
N GLY A 62 -21.90 -26.36 -20.13
CA GLY A 62 -21.25 -25.07 -20.24
C GLY A 62 -22.21 -23.94 -19.97
N THR A 63 -22.25 -23.46 -18.72
CA THR A 63 -23.21 -22.45 -18.30
C THR A 63 -22.58 -21.23 -17.65
N GLY A 64 -21.26 -21.14 -17.64
CA GLY A 64 -20.63 -19.99 -17.00
C GLY A 64 -20.38 -20.22 -15.53
N SER A 65 -19.34 -19.56 -15.03
CA SER A 65 -18.90 -19.73 -13.65
C SER A 65 -19.96 -19.22 -12.69
N GLY A 66 -20.74 -18.22 -13.10
CA GLY A 66 -21.85 -17.76 -12.27
C GLY A 66 -22.79 -18.91 -11.92
N ALA A 67 -23.24 -19.65 -12.92
CA ALA A 67 -24.11 -20.79 -12.66
C ALA A 67 -23.36 -21.89 -11.92
N GLY A 68 -22.07 -22.08 -12.25
CA GLY A 68 -21.29 -23.11 -11.57
C GLY A 68 -21.21 -22.89 -10.07
N ILE A 69 -20.99 -21.64 -9.65
CA ILE A 69 -20.95 -21.35 -8.22
C ILE A 69 -22.32 -21.51 -7.59
N ALA A 70 -23.34 -20.89 -8.20
CA ALA A 70 -24.69 -20.93 -7.64
C ALA A 70 -25.21 -22.34 -7.48
N GLN A 71 -25.09 -23.17 -8.53
CA GLN A 71 -25.63 -24.52 -8.49
C GLN A 71 -24.86 -25.40 -7.53
N ALA A 72 -23.54 -25.23 -7.45
CA ALA A 72 -22.77 -25.96 -6.45
C ALA A 72 -23.20 -25.57 -5.04
N ALA A 73 -23.35 -24.27 -4.79
CA ALA A 73 -23.81 -23.81 -3.48
C ALA A 73 -25.19 -24.36 -3.16
N ALA A 74 -26.11 -24.33 -4.13
CA ALA A 74 -27.46 -24.82 -3.89
C ALA A 74 -27.51 -26.34 -3.77
N GLY A 75 -26.47 -27.03 -4.23
CA GLY A 75 -26.45 -28.48 -4.17
C GLY A 75 -27.11 -29.17 -5.34
N THR A 76 -27.34 -28.46 -6.44
CA THR A 76 -27.97 -29.08 -7.60
C THR A 76 -27.00 -29.97 -8.37
N VAL A 77 -25.71 -29.68 -8.30
CA VAL A 77 -24.68 -30.48 -8.96
C VAL A 77 -23.63 -30.84 -7.92
N ASN A 78 -22.81 -31.85 -8.26
CA ASN A 78 -21.70 -32.21 -7.40
C ASN A 78 -20.47 -31.34 -7.65
N ILE A 79 -20.29 -30.84 -8.87
CA ILE A 79 -19.11 -30.10 -9.24
C ILE A 79 -19.54 -28.81 -9.92
N GLY A 80 -19.26 -27.69 -9.28
CA GLY A 80 -19.40 -26.39 -9.91
C GLY A 80 -18.08 -25.96 -10.46
N ALA A 81 -18.04 -25.69 -11.76
CA ALA A 81 -16.81 -25.30 -12.45
C ALA A 81 -16.77 -23.77 -12.53
N SER A 82 -15.71 -23.18 -12.00
CA SER A 82 -15.60 -21.73 -12.01
C SER A 82 -14.15 -21.32 -12.22
N ASP A 83 -13.94 -20.31 -13.05
CA ASP A 83 -12.63 -19.69 -13.18
C ASP A 83 -12.35 -18.69 -12.07
N ALA A 84 -13.33 -18.42 -11.22
CA ALA A 84 -13.22 -17.46 -10.14
C ALA A 84 -13.29 -18.19 -8.80
N TYR A 85 -12.38 -17.86 -7.89
CA TYR A 85 -12.44 -18.37 -6.54
C TYR A 85 -13.65 -17.79 -5.82
N LEU A 86 -14.10 -18.49 -4.79
CA LEU A 86 -15.21 -17.99 -3.99
C LEU A 86 -14.78 -16.79 -3.16
N SER A 87 -15.66 -15.79 -3.06
CA SER A 87 -15.43 -14.72 -2.11
C SER A 87 -15.60 -15.23 -0.69
N GLU A 88 -15.11 -14.45 0.27
CA GLU A 88 -15.31 -14.86 1.66
C GLU A 88 -16.79 -14.81 2.04
N GLY A 89 -17.58 -13.94 1.40
CA GLY A 89 -19.01 -13.98 1.59
C GLY A 89 -19.64 -15.27 1.11
N ASP A 90 -19.15 -15.79 -0.02
CA ASP A 90 -19.59 -17.09 -0.51
C ASP A 90 -19.29 -18.19 0.50
N MET A 91 -18.06 -18.22 1.02
CA MET A 91 -17.69 -19.24 1.99
C MET A 91 -18.45 -19.07 3.30
N ALA A 92 -18.75 -17.84 3.69
CA ALA A 92 -19.54 -17.62 4.89
C ALA A 92 -20.99 -18.07 4.68
N ALA A 93 -21.56 -17.77 3.51
CA ALA A 93 -22.98 -18.06 3.30
C ALA A 93 -23.24 -19.55 3.06
N HIS A 94 -22.24 -20.27 2.55
CA HIS A 94 -22.44 -21.68 2.15
C HIS A 94 -21.46 -22.55 2.93
N LYS A 95 -21.98 -23.19 3.98
CA LYS A 95 -21.16 -24.03 4.86
C LYS A 95 -20.63 -25.23 4.09
N GLY A 96 -19.32 -25.45 4.20
CA GLY A 96 -18.69 -26.60 3.58
C GLY A 96 -18.34 -26.45 2.11
N LEU A 97 -18.59 -25.28 1.52
CA LEU A 97 -18.28 -25.04 0.12
C LEU A 97 -16.84 -24.59 -0.04
N MET A 98 -16.12 -25.18 -1.00
CA MET A 98 -14.73 -24.84 -1.22
C MET A 98 -14.44 -24.81 -2.72
N ASN A 99 -13.39 -24.10 -3.10
CA ASN A 99 -12.89 -24.09 -4.46
C ASN A 99 -11.59 -24.87 -4.51
N ILE A 100 -11.55 -25.91 -5.35
CA ILE A 100 -10.42 -26.81 -5.44
C ILE A 100 -9.76 -26.64 -6.80
N ALA A 101 -8.50 -26.22 -6.81
CA ALA A 101 -7.81 -25.94 -8.05
C ALA A 101 -7.52 -27.23 -8.81
N LEU A 102 -7.91 -27.25 -10.09
CA LEU A 102 -7.75 -28.41 -10.95
C LEU A 102 -6.65 -28.25 -12.00
N ALA A 103 -6.50 -27.05 -12.55
CA ALA A 103 -5.50 -26.79 -13.58
C ALA A 103 -5.32 -25.28 -13.68
N ILE A 104 -4.38 -24.86 -14.54
CA ILE A 104 -4.11 -23.45 -14.77
C ILE A 104 -4.53 -23.11 -16.19
N SER A 105 -5.44 -22.16 -16.32
CA SER A 105 -5.84 -21.67 -17.63
C SER A 105 -5.38 -20.22 -17.80
N ALA A 106 -5.83 -19.60 -18.89
CA ALA A 106 -5.44 -18.25 -19.23
C ALA A 106 -6.54 -17.65 -20.08
N GLN A 107 -6.38 -16.39 -20.44
CA GLN A 107 -7.36 -15.68 -21.24
C GLN A 107 -6.63 -14.79 -22.22
N GLN A 108 -7.04 -14.83 -23.48
CA GLN A 108 -6.49 -13.96 -24.50
C GLN A 108 -7.52 -12.88 -24.86
N VAL A 109 -7.01 -11.78 -25.38
CA VAL A 109 -7.87 -10.77 -25.98
C VAL A 109 -7.80 -10.97 -27.49
N ASN A 110 -8.96 -11.23 -28.08
CA ASN A 110 -9.08 -11.42 -29.53
C ASN A 110 -9.66 -10.16 -30.15
N TYR A 111 -9.33 -9.94 -31.42
CA TYR A 111 -9.85 -8.79 -32.13
C TYR A 111 -10.03 -9.17 -33.60
N ASN A 112 -10.86 -8.38 -34.28
CA ASN A 112 -11.22 -8.61 -35.67
C ASN A 112 -10.61 -7.49 -36.49
N LEU A 113 -9.36 -7.67 -36.92
CA LEU A 113 -8.66 -6.71 -37.76
C LEU A 113 -7.91 -7.48 -38.84
N PRO A 114 -8.57 -7.76 -39.97
CA PRO A 114 -7.97 -8.67 -40.97
C PRO A 114 -6.75 -8.11 -41.67
N GLY A 115 -6.58 -6.80 -41.70
CA GLY A 115 -5.44 -6.22 -42.39
C GLY A 115 -4.17 -6.14 -41.57
N VAL A 116 -4.20 -6.51 -40.30
CA VAL A 116 -3.03 -6.43 -39.42
C VAL A 116 -2.59 -7.86 -39.09
N SER A 117 -1.34 -8.18 -39.39
CA SER A 117 -0.82 -9.50 -39.08
C SER A 117 -0.08 -9.57 -37.75
N GLU A 118 0.39 -8.43 -37.23
CA GLU A 118 1.10 -8.43 -35.95
C GLU A 118 0.17 -8.83 -34.81
N HIS A 119 0.77 -9.37 -33.75
CA HIS A 119 0.06 -9.56 -32.48
C HIS A 119 0.05 -8.21 -31.79
N LEU A 120 -1.05 -7.48 -31.90
CA LEU A 120 -1.12 -6.14 -31.33
C LEU A 120 -0.85 -6.16 -29.83
N LYS A 121 -0.09 -5.17 -29.36
CA LYS A 121 0.15 -5.00 -27.93
C LYS A 121 -0.93 -4.13 -27.32
N LEU A 122 -1.52 -4.59 -26.22
CA LEU A 122 -2.54 -3.84 -25.50
C LEU A 122 -2.33 -4.03 -24.01
N ASN A 123 -2.74 -3.03 -23.23
CA ASN A 123 -2.65 -3.11 -21.77
C ASN A 123 -4.00 -2.73 -21.15
N GLY A 124 -4.04 -2.75 -19.82
CA GLY A 124 -5.29 -2.50 -19.12
C GLY A 124 -5.83 -1.10 -19.34
N LYS A 125 -4.95 -0.10 -19.38
CA LYS A 125 -5.40 1.28 -19.50
C LYS A 125 -6.00 1.53 -20.88
N VAL A 126 -5.42 0.94 -21.92
CA VAL A 126 -5.98 1.09 -23.25
C VAL A 126 -7.28 0.28 -23.38
N LEU A 127 -7.28 -0.96 -22.86
CA LEU A 127 -8.51 -1.76 -22.93
C LEU A 127 -9.62 -1.14 -22.10
N ALA A 128 -9.29 -0.58 -20.93
CA ALA A 128 -10.31 0.10 -20.15
C ALA A 128 -10.92 1.27 -20.92
N ALA A 129 -10.08 2.08 -21.56
CA ALA A 129 -10.59 3.19 -22.36
C ALA A 129 -11.41 2.70 -23.55
N MET A 130 -11.00 1.59 -24.15
CA MET A 130 -11.77 1.02 -25.25
C MET A 130 -13.14 0.57 -24.77
N TYR A 131 -13.19 -0.07 -23.60
CA TYR A 131 -14.47 -0.51 -23.06
C TYR A 131 -15.25 0.63 -22.43
N GLN A 132 -14.60 1.75 -22.13
CA GLN A 132 -15.29 2.94 -21.64
C GLN A 132 -15.72 3.86 -22.77
N GLY A 133 -15.29 3.61 -24.00
CA GLY A 133 -15.75 4.37 -25.13
C GLY A 133 -14.96 5.62 -25.46
N THR A 134 -13.84 5.87 -24.78
CA THR A 134 -13.04 7.05 -25.07
C THR A 134 -11.99 6.80 -26.15
N ILE A 135 -11.55 5.55 -26.31
CA ILE A 135 -10.79 5.14 -27.49
C ILE A 135 -11.79 4.57 -28.48
N LYS A 136 -12.03 5.29 -29.57
CA LYS A 136 -13.11 5.00 -30.51
C LYS A 136 -12.66 4.24 -31.75
N THR A 137 -11.46 4.53 -32.26
CA THR A 137 -10.94 3.91 -33.46
C THR A 137 -9.68 3.13 -33.15
N TRP A 138 -9.41 2.12 -33.97
CA TRP A 138 -8.23 1.28 -33.76
C TRP A 138 -6.91 2.00 -34.05
N ASP A 139 -6.93 3.16 -34.73
CA ASP A 139 -5.72 3.93 -34.93
C ASP A 139 -5.62 5.09 -33.94
N ASP A 140 -6.33 5.01 -32.83
CA ASP A 140 -6.20 6.00 -31.78
C ASP A 140 -4.74 6.09 -31.34
N PRO A 141 -4.22 7.29 -31.09
CA PRO A 141 -2.80 7.42 -30.71
C PRO A 141 -2.40 6.59 -29.51
N GLN A 142 -3.31 6.33 -28.58
CA GLN A 142 -2.97 5.51 -27.42
C GLN A 142 -2.66 4.06 -27.82
N ILE A 143 -3.28 3.58 -28.90
CA ILE A 143 -3.00 2.24 -29.39
C ILE A 143 -1.74 2.23 -30.23
N ALA A 144 -1.62 3.21 -31.13
CA ALA A 144 -0.40 3.36 -31.92
C ALA A 144 0.83 3.51 -31.03
N ALA A 145 0.68 4.18 -29.88
CA ALA A 145 1.81 4.35 -28.96
C ALA A 145 2.39 3.01 -28.52
N LEU A 146 1.55 1.99 -28.37
CA LEU A 146 2.01 0.66 -27.99
C LEU A 146 2.46 -0.18 -29.19
N ASN A 147 2.09 0.22 -30.41
CA ASN A 147 2.40 -0.54 -31.61
C ASN A 147 2.97 0.40 -32.69
N PRO A 148 4.17 0.94 -32.47
CA PRO A 148 4.75 1.84 -33.47
C PRO A 148 5.08 1.08 -34.75
N GLY A 149 4.76 1.72 -35.88
CA GLY A 149 5.01 1.12 -37.17
C GLY A 149 4.00 0.08 -37.61
N VAL A 150 2.90 -0.09 -36.89
CA VAL A 150 1.86 -1.04 -37.25
C VAL A 150 0.77 -0.30 -38.00
N ASN A 151 0.28 -0.92 -39.08
CA ASN A 151 -0.73 -0.33 -39.96
C ASN A 151 -2.14 -0.37 -39.36
N LEU A 152 -2.31 0.35 -38.25
CA LEU A 152 -3.62 0.40 -37.60
C LEU A 152 -4.64 1.08 -38.50
N PRO A 153 -5.81 0.49 -38.71
CA PRO A 153 -6.85 1.14 -39.51
C PRO A 153 -7.68 2.11 -38.68
N GLY A 154 -8.53 2.87 -39.38
CA GLY A 154 -9.49 3.74 -38.73
C GLY A 154 -10.76 3.05 -38.29
N THR A 155 -10.79 1.72 -38.38
CA THR A 155 -11.94 0.92 -38.00
C THR A 155 -12.35 1.20 -36.55
N ALA A 156 -13.66 1.29 -36.33
CA ALA A 156 -14.20 1.56 -35.01
C ALA A 156 -13.90 0.41 -34.06
N VAL A 157 -13.69 0.75 -32.80
CA VAL A 157 -13.55 -0.26 -31.75
C VAL A 157 -14.92 -0.69 -31.28
N VAL A 158 -15.18 -1.99 -31.31
CA VAL A 158 -16.48 -2.53 -30.89
C VAL A 158 -16.24 -3.46 -29.71
N PRO A 159 -16.39 -2.99 -28.47
CA PRO A 159 -16.00 -3.80 -27.31
C PRO A 159 -17.11 -4.77 -26.93
N LEU A 160 -16.77 -6.06 -26.91
CA LEU A 160 -17.71 -7.11 -26.54
C LEU A 160 -17.42 -7.59 -25.12
N HIS A 161 -18.48 -7.93 -24.40
CA HIS A 161 -18.36 -8.49 -23.07
C HIS A 161 -19.32 -9.65 -22.96
N ARG A 162 -19.18 -10.42 -21.90
CA ARG A 162 -20.03 -11.58 -21.68
C ARG A 162 -21.35 -11.16 -21.05
N SER A 163 -22.44 -11.65 -21.61
CA SER A 163 -23.77 -11.38 -21.07
C SER A 163 -24.03 -12.16 -19.80
N ASP A 164 -23.66 -13.44 -19.79
CA ASP A 164 -23.92 -14.29 -18.63
C ASP A 164 -22.88 -14.05 -17.54
N GLY A 165 -23.20 -14.48 -16.33
CA GLY A 165 -22.24 -14.42 -15.24
C GLY A 165 -21.06 -15.32 -15.55
N SER A 166 -19.85 -14.76 -15.62
CA SER A 166 -18.73 -15.41 -16.29
C SER A 166 -17.44 -15.25 -15.49
N GLY A 167 -16.72 -16.36 -15.35
CA GLY A 167 -15.38 -16.30 -14.78
C GLY A 167 -14.40 -15.57 -15.67
N ASP A 168 -14.63 -15.58 -16.98
CA ASP A 168 -13.79 -14.80 -17.88
C ASP A 168 -13.95 -13.31 -17.63
N THR A 169 -15.19 -12.85 -17.41
CA THR A 169 -15.42 -11.47 -17.03
C THR A 169 -14.72 -11.15 -15.71
N PHE A 170 -14.70 -12.12 -14.79
CA PHE A 170 -13.99 -11.95 -13.52
C PHE A 170 -12.51 -11.69 -13.75
N LEU A 171 -11.86 -12.54 -14.56
CA LEU A 171 -10.43 -12.38 -14.84
C LEU A 171 -10.15 -11.05 -15.54
N PHE A 172 -10.93 -10.75 -16.59
CA PHE A 172 -10.66 -9.59 -17.42
C PHE A 172 -10.81 -8.29 -16.65
N THR A 173 -11.90 -8.17 -15.87
CA THR A 173 -12.11 -6.96 -15.10
C THR A 173 -11.16 -6.88 -13.91
N GLN A 174 -10.66 -8.01 -13.41
CA GLN A 174 -9.58 -7.94 -12.43
C GLN A 174 -8.30 -7.43 -13.08
N TYR A 175 -8.11 -7.72 -14.37
CA TYR A 175 -6.97 -7.17 -15.09
C TYR A 175 -7.13 -5.67 -15.30
N LEU A 176 -8.31 -5.24 -15.75
CA LEU A 176 -8.58 -3.82 -15.95
C LEU A 176 -8.45 -3.04 -14.65
N SER A 177 -8.89 -3.63 -13.54
CA SER A 177 -8.85 -2.93 -12.25
C SER A 177 -7.41 -2.78 -11.76
N LYS A 178 -6.61 -3.84 -11.89
CA LYS A 178 -5.25 -3.77 -11.38
C LYS A 178 -4.39 -2.85 -12.23
N GLN A 179 -4.64 -2.80 -13.54
CA GLN A 179 -3.89 -1.94 -14.43
C GLN A 179 -4.42 -0.51 -14.46
N ASP A 180 -5.65 -0.28 -14.05
CA ASP A 180 -6.25 1.06 -14.02
C ASP A 180 -6.97 1.28 -12.70
N PRO A 181 -6.24 1.25 -11.58
CA PRO A 181 -6.91 1.27 -10.27
C PRO A 181 -7.69 2.54 -9.99
N GLU A 182 -7.24 3.68 -10.48
CA GLU A 182 -7.94 4.93 -10.21
C GLU A 182 -9.11 5.15 -11.17
N GLY A 183 -9.18 4.39 -12.27
CA GLY A 183 -10.28 4.49 -13.21
C GLY A 183 -11.21 3.30 -13.15
N TRP A 184 -10.92 2.27 -13.95
CA TRP A 184 -11.78 1.08 -13.97
C TRP A 184 -11.84 0.41 -12.59
N GLY A 185 -10.72 0.40 -11.87
CA GLY A 185 -10.72 -0.19 -10.53
C GLY A 185 -11.72 0.48 -9.60
N LYS A 186 -11.88 1.80 -9.73
CA LYS A 186 -12.87 2.49 -8.93
C LYS A 186 -14.28 2.20 -9.42
N SER A 187 -14.46 2.14 -10.74
CA SER A 187 -15.75 1.84 -11.34
C SER A 187 -15.53 1.41 -12.78
N PRO A 188 -16.14 0.31 -13.23
CA PRO A 188 -17.12 -0.50 -12.52
C PRO A 188 -16.54 -1.70 -11.76
N GLY A 189 -15.22 -1.74 -11.57
CA GLY A 189 -14.61 -2.79 -10.77
C GLY A 189 -14.60 -4.13 -11.47
N PHE A 190 -14.56 -5.19 -10.65
CA PHE A 190 -14.47 -6.55 -11.16
C PHE A 190 -15.57 -7.42 -10.56
N GLY A 191 -15.75 -8.59 -11.15
CA GLY A 191 -16.74 -9.54 -10.69
C GLY A 191 -17.20 -10.43 -11.84
N THR A 192 -17.89 -11.52 -11.48
CA THR A 192 -18.53 -12.34 -12.49
C THR A 192 -19.63 -11.60 -13.23
N THR A 193 -20.13 -10.51 -12.64
CA THR A 193 -21.13 -9.66 -13.28
C THR A 193 -20.72 -8.22 -13.06
N VAL A 194 -20.54 -7.47 -14.15
CA VAL A 194 -19.96 -6.14 -14.11
C VAL A 194 -20.84 -5.19 -14.93
N ASP A 195 -21.00 -3.97 -14.43
CA ASP A 195 -21.78 -2.93 -15.09
C ASP A 195 -20.94 -2.30 -16.21
N PHE A 196 -20.74 -3.07 -17.27
CA PHE A 196 -19.99 -2.57 -18.42
C PHE A 196 -20.67 -1.32 -18.98
N PRO A 197 -19.90 -0.30 -19.35
CA PRO A 197 -20.51 0.88 -19.96
C PRO A 197 -21.19 0.54 -21.27
N ALA A 198 -22.28 1.26 -21.54
CA ALA A 198 -23.05 1.08 -22.78
C ALA A 198 -22.58 2.09 -23.82
N VAL A 199 -21.39 1.84 -24.34
CA VAL A 199 -20.80 2.69 -25.36
C VAL A 199 -21.26 2.18 -26.71
N PRO A 200 -21.29 3.02 -27.76
CA PRO A 200 -21.80 2.57 -29.05
C PRO A 200 -21.09 1.32 -29.53
N GLY A 201 -21.86 0.38 -30.08
CA GLY A 201 -21.32 -0.85 -30.58
C GLY A 201 -21.26 -1.97 -29.54
N ALA A 202 -21.13 -1.60 -28.27
CA ALA A 202 -20.95 -2.58 -27.21
C ALA A 202 -22.10 -3.58 -27.18
N LEU A 203 -21.74 -4.85 -27.00
CA LEU A 203 -22.71 -5.95 -26.99
C LEU A 203 -22.26 -6.98 -25.97
N GLY A 204 -23.27 -7.63 -25.34
CA GLY A 204 -23.02 -8.76 -24.49
C GLY A 204 -23.28 -10.05 -25.23
N GLU A 205 -22.32 -10.97 -25.16
CA GLU A 205 -22.41 -12.27 -25.83
C GLU A 205 -22.47 -13.38 -24.79
N ASN A 206 -23.21 -14.43 -25.12
CA ASN A 206 -23.41 -15.56 -24.22
C ASN A 206 -22.32 -16.61 -24.41
N GLY A 207 -21.62 -16.93 -23.33
CA GLY A 207 -20.57 -17.95 -23.37
C GLY A 207 -19.33 -17.53 -24.12
N ASN A 208 -18.27 -18.34 -24.00
CA ASN A 208 -17.06 -18.10 -24.77
C ASN A 208 -17.33 -18.24 -26.26
N GLY A 209 -18.18 -19.21 -26.64
CA GLY A 209 -18.51 -19.39 -28.03
C GLY A 209 -19.23 -18.19 -28.62
N GLY A 210 -20.05 -17.51 -27.83
CA GLY A 210 -20.68 -16.29 -28.30
C GLY A 210 -19.70 -15.16 -28.49
N MET A 211 -18.61 -15.15 -27.73
CA MET A 211 -17.58 -14.13 -27.92
C MET A 211 -16.81 -14.38 -29.21
N VAL A 212 -16.49 -15.64 -29.49
CA VAL A 212 -15.78 -15.97 -30.72
C VAL A 212 -16.62 -15.56 -31.93
N THR A 213 -17.89 -15.95 -31.94
CA THR A 213 -18.73 -15.66 -33.09
C THR A 213 -19.08 -14.17 -33.17
N GLY A 214 -19.31 -13.53 -32.02
CA GLY A 214 -19.57 -12.10 -32.05
C GLY A 214 -18.36 -11.28 -32.47
N CYS A 215 -17.16 -11.71 -32.06
CA CYS A 215 -15.97 -10.99 -32.48
C CYS A 215 -15.72 -11.17 -33.97
N ALA A 216 -15.98 -12.37 -34.50
CA ALA A 216 -15.79 -12.62 -35.94
C ALA A 216 -16.90 -12.01 -36.79
N GLU A 217 -17.96 -11.51 -36.18
CA GLU A 217 -19.13 -11.06 -36.93
C GLU A 217 -18.92 -9.68 -37.56
N THR A 218 -18.11 -8.83 -36.92
CA THR A 218 -17.99 -7.46 -37.37
C THR A 218 -16.55 -7.00 -37.17
N PRO A 219 -15.93 -6.41 -38.20
CA PRO A 219 -14.54 -5.96 -38.06
C PRO A 219 -14.45 -4.82 -37.05
N GLY A 220 -13.37 -4.84 -36.26
CA GLY A 220 -13.17 -3.89 -35.19
C GLY A 220 -13.52 -4.41 -33.81
N CYS A 221 -14.19 -5.55 -33.71
CA CYS A 221 -14.57 -6.08 -32.41
C CYS A 221 -13.33 -6.44 -31.60
N VAL A 222 -13.43 -6.26 -30.28
CA VAL A 222 -12.46 -6.75 -29.31
C VAL A 222 -13.21 -7.56 -28.28
N ALA A 223 -12.65 -8.70 -27.89
CA ALA A 223 -13.35 -9.60 -26.98
C ALA A 223 -12.34 -10.32 -26.11
N TYR A 224 -12.70 -10.52 -24.84
CA TYR A 224 -11.89 -11.31 -23.93
C TYR A 224 -12.40 -12.74 -23.97
N ILE A 225 -11.54 -13.66 -24.42
CA ILE A 225 -11.94 -15.03 -24.71
C ILE A 225 -10.99 -15.98 -24.00
N GLY A 226 -11.54 -17.05 -23.42
CA GLY A 226 -10.73 -18.00 -22.69
C GLY A 226 -9.89 -18.87 -23.61
N ILE A 227 -8.75 -19.32 -23.08
CA ILE A 227 -7.74 -19.94 -23.93
C ILE A 227 -8.19 -21.30 -24.47
N SER A 228 -9.17 -21.96 -23.84
CA SER A 228 -9.68 -23.18 -24.45
C SER A 228 -10.43 -22.91 -25.76
N PHE A 229 -10.68 -21.65 -26.09
CA PHE A 229 -11.32 -21.27 -27.33
C PHE A 229 -10.38 -20.54 -28.28
N LEU A 230 -9.09 -20.50 -27.96
CA LEU A 230 -8.12 -19.77 -28.78
C LEU A 230 -7.96 -20.40 -30.16
N ASP A 231 -7.94 -21.74 -30.23
CA ASP A 231 -7.87 -22.42 -31.51
C ASP A 231 -9.04 -22.03 -32.40
N GLN A 232 -10.25 -22.06 -31.84
CA GLN A 232 -11.43 -21.68 -32.62
C GLN A 232 -11.38 -20.21 -33.03
N ALA A 233 -10.87 -19.34 -32.16
CA ALA A 233 -10.79 -17.93 -32.48
C ALA A 233 -9.83 -17.67 -33.64
N SER A 234 -8.65 -18.29 -33.61
CA SER A 234 -7.69 -18.08 -34.69
C SER A 234 -8.15 -18.70 -35.99
N GLN A 235 -8.87 -19.82 -35.92
CA GLN A 235 -9.43 -20.43 -37.13
C GLN A 235 -10.52 -19.56 -37.76
N ARG A 236 -11.11 -18.64 -37.00
CA ARG A 236 -12.02 -17.64 -37.55
C ARG A 236 -11.31 -16.39 -38.03
N GLY A 237 -9.97 -16.38 -38.06
CA GLY A 237 -9.22 -15.25 -38.55
C GLY A 237 -9.06 -14.11 -37.57
N LEU A 238 -9.39 -14.31 -36.30
CA LEU A 238 -9.24 -13.25 -35.31
C LEU A 238 -7.78 -13.10 -34.89
N GLY A 239 -7.40 -11.86 -34.59
CA GLY A 239 -6.08 -11.61 -34.05
C GLY A 239 -5.97 -11.96 -32.58
N GLU A 240 -4.73 -12.10 -32.12
CA GLU A 240 -4.45 -12.47 -30.74
C GLU A 240 -3.43 -11.49 -30.16
N ALA A 241 -3.79 -10.82 -29.08
CA ALA A 241 -3.01 -9.70 -28.57
C ALA A 241 -1.90 -10.17 -27.63
N GLN A 242 -0.81 -9.40 -27.60
CA GLN A 242 0.16 -9.48 -26.53
C GLN A 242 -0.28 -8.52 -25.42
N LEU A 243 -0.55 -9.07 -24.24
CA LEU A 243 -1.03 -8.26 -23.13
C LEU A 243 0.13 -7.78 -22.27
N GLY A 244 -0.01 -6.57 -21.74
CA GLY A 244 1.02 -5.99 -20.89
C GLY A 244 0.75 -6.22 -19.42
N ASN A 245 1.81 -6.54 -18.69
CA ASN A 245 1.75 -6.59 -17.24
C ASN A 245 2.23 -5.26 -16.66
N SER A 246 2.08 -5.11 -15.35
CA SER A 246 2.49 -3.85 -14.73
C SER A 246 4.01 -3.67 -14.69
N SER A 247 4.79 -4.70 -15.01
CA SER A 247 6.23 -4.51 -15.14
C SER A 247 6.64 -3.87 -16.45
N GLY A 248 5.72 -3.78 -17.41
CA GLY A 248 5.97 -3.05 -18.64
C GLY A 248 6.17 -3.93 -19.85
N ASN A 249 6.24 -5.24 -19.69
CA ASN A 249 6.44 -6.16 -20.80
C ASN A 249 5.11 -6.62 -21.37
N PHE A 250 5.15 -7.08 -22.61
CA PHE A 250 3.95 -7.53 -23.33
C PHE A 250 4.12 -8.99 -23.73
N LEU A 251 3.11 -9.80 -23.43
CA LEU A 251 3.23 -11.25 -23.50
C LEU A 251 2.05 -11.85 -24.25
N LEU A 252 2.35 -12.84 -25.07
CA LEU A 252 1.37 -13.73 -25.62
C LEU A 252 1.10 -14.85 -24.61
N PRO A 253 -0.12 -15.41 -24.60
CA PRO A 253 -0.43 -16.51 -23.67
C PRO A 253 0.14 -17.82 -24.20
N ASP A 254 0.96 -18.49 -23.39
CA ASP A 254 1.62 -19.71 -23.81
C ASP A 254 2.23 -20.40 -22.60
N ALA A 255 2.81 -21.58 -22.85
CA ALA A 255 3.53 -22.33 -21.83
C ALA A 255 4.45 -21.46 -21.00
N GLN A 256 5.38 -20.75 -21.65
CA GLN A 256 6.38 -19.99 -20.92
C GLN A 256 5.75 -18.89 -20.07
N SER A 257 5.03 -17.97 -20.72
CA SER A 257 4.51 -16.83 -19.98
C SER A 257 3.46 -17.24 -18.97
N ILE A 258 2.69 -18.31 -19.24
CA ILE A 258 1.72 -18.77 -18.27
C ILE A 258 2.42 -19.46 -17.10
N GLN A 259 3.41 -20.31 -17.39
CA GLN A 259 4.15 -20.96 -16.32
C GLN A 259 4.94 -19.93 -15.53
N ALA A 260 5.49 -18.92 -16.20
CA ALA A 260 6.26 -17.90 -15.49
C ALA A 260 5.37 -17.11 -14.53
N ALA A 261 4.15 -16.77 -14.95
CA ALA A 261 3.24 -16.07 -14.06
C ALA A 261 2.80 -16.97 -12.91
N ALA A 262 2.42 -18.21 -13.20
CA ALA A 262 1.99 -19.12 -12.15
C ALA A 262 3.11 -19.40 -11.17
N ALA A 263 4.34 -19.56 -11.67
CA ALA A 263 5.47 -19.74 -10.78
C ALA A 263 5.64 -18.54 -9.85
N GLY A 264 5.24 -17.35 -10.28
CA GLY A 264 5.19 -16.21 -9.41
C GLY A 264 4.20 -16.36 -8.27
N PHE A 265 3.21 -17.24 -8.42
CA PHE A 265 2.26 -17.57 -7.36
C PHE A 265 2.30 -19.05 -7.04
N ALA A 266 3.49 -19.58 -6.79
CA ALA A 266 3.68 -20.93 -6.30
C ALA A 266 4.73 -20.82 -5.21
N SER A 267 4.27 -20.95 -3.96
CA SER A 267 4.88 -20.41 -2.74
C SER A 267 3.76 -19.78 -1.93
N LYS A 268 3.28 -18.63 -2.41
CA LYS A 268 2.28 -17.80 -1.76
C LYS A 268 0.85 -18.27 -2.01
N THR A 269 0.66 -19.43 -2.62
CA THR A 269 -0.69 -19.94 -2.82
C THR A 269 -1.29 -20.35 -1.48
N PRO A 270 -2.45 -19.82 -1.10
CA PRO A 270 -3.01 -20.12 0.22
C PRO A 270 -3.60 -21.53 0.28
N ALA A 271 -3.78 -21.99 1.52
CA ALA A 271 -4.29 -23.34 1.74
C ALA A 271 -5.67 -23.54 1.11
N ASN A 272 -6.52 -22.51 1.16
CA ASN A 272 -7.85 -22.63 0.57
C ASN A 272 -7.86 -22.31 -0.92
N GLN A 273 -6.70 -21.99 -1.50
CA GLN A 273 -6.47 -21.85 -2.94
C GLN A 273 -7.21 -20.68 -3.57
N ALA A 274 -7.90 -19.86 -2.77
CA ALA A 274 -8.61 -18.69 -3.29
C ALA A 274 -7.60 -17.56 -3.42
N ILE A 275 -7.02 -17.43 -4.61
CA ILE A 275 -5.99 -16.43 -4.87
C ILE A 275 -6.15 -15.90 -6.29
N SER A 276 -5.98 -14.59 -6.45
CA SER A 276 -5.91 -13.97 -7.76
C SER A 276 -4.47 -14.00 -8.26
N MET A 277 -4.28 -14.46 -9.50
CA MET A 277 -2.97 -14.47 -10.14
C MET A 277 -2.94 -13.50 -11.33
N ILE A 278 -3.79 -12.49 -11.30
CA ILE A 278 -3.90 -11.53 -12.39
C ILE A 278 -2.78 -10.50 -12.28
N ASP A 279 -2.09 -10.25 -13.39
CA ASP A 279 -1.07 -9.21 -13.48
C ASP A 279 -0.01 -9.40 -12.39
N GLY A 280 0.58 -10.60 -12.38
CA GLY A 280 1.48 -10.99 -11.33
C GLY A 280 2.82 -10.29 -11.39
N PRO A 281 3.58 -10.36 -10.31
CA PRO A 281 4.89 -9.68 -10.27
C PRO A 281 5.92 -10.22 -11.24
N ALA A 282 5.74 -11.40 -11.81
CA ALA A 282 6.75 -11.94 -12.71
C ALA A 282 6.89 -11.05 -13.93
N PRO A 283 8.08 -10.54 -14.24
CA PRO A 283 8.22 -9.65 -15.39
C PRO A 283 7.94 -10.33 -16.71
N ASP A 284 8.18 -11.63 -16.81
CA ASP A 284 7.89 -12.41 -18.00
C ASP A 284 6.58 -13.18 -17.88
N GLY A 285 5.73 -12.82 -16.92
CA GLY A 285 4.49 -13.55 -16.68
C GLY A 285 3.33 -12.99 -17.48
N TYR A 286 2.53 -13.89 -18.03
CA TYR A 286 1.32 -13.46 -18.72
C TYR A 286 0.32 -12.94 -17.68
N PRO A 287 -0.31 -11.78 -17.91
CA PRO A 287 -1.07 -11.13 -16.83
C PRO A 287 -2.48 -11.66 -16.59
N ILE A 288 -3.03 -12.52 -17.44
CA ILE A 288 -4.38 -13.06 -17.23
C ILE A 288 -4.27 -14.58 -17.22
N ILE A 289 -3.95 -15.14 -16.06
CA ILE A 289 -3.96 -16.57 -15.82
C ILE A 289 -4.82 -16.83 -14.59
N ASN A 290 -5.22 -18.09 -14.41
CA ASN A 290 -6.10 -18.41 -13.30
C ASN A 290 -6.08 -19.90 -13.01
N TYR A 291 -6.41 -20.23 -11.77
CA TYR A 291 -6.75 -21.60 -11.41
C TYR A 291 -8.13 -21.95 -11.91
N GLU A 292 -8.29 -23.16 -12.44
CA GLU A 292 -9.61 -23.69 -12.76
C GLU A 292 -10.12 -24.42 -11.52
N TYR A 293 -11.27 -24.01 -11.02
CA TYR A 293 -11.77 -24.46 -9.73
C TYR A 293 -12.93 -25.42 -9.88
N ALA A 294 -12.94 -26.46 -9.06
CA ALA A 294 -14.14 -27.22 -8.78
C ALA A 294 -14.75 -26.65 -7.50
N ILE A 295 -15.90 -26.02 -7.62
CA ILE A 295 -16.67 -25.57 -6.46
C ILE A 295 -17.44 -26.77 -5.94
N VAL A 296 -17.01 -27.33 -4.81
CA VAL A 296 -17.61 -28.54 -4.26
C VAL A 296 -17.87 -28.32 -2.78
N ASN A 297 -18.74 -29.17 -2.24
CA ASN A 297 -19.09 -29.17 -0.83
C ASN A 297 -18.44 -30.36 -0.13
N ASN A 298 -18.05 -30.15 1.14
CA ASN A 298 -17.37 -31.22 1.87
C ASN A 298 -18.33 -32.29 2.40
N ARG A 299 -19.62 -32.19 2.11
CA ARG A 299 -20.58 -33.23 2.45
C ARG A 299 -21.38 -33.56 1.19
N GLN A 300 -21.21 -34.79 0.69
CA GLN A 300 -22.05 -35.29 -0.39
C GLN A 300 -23.24 -36.03 0.22
N LYS A 301 -24.11 -36.57 -0.64
CA LYS A 301 -25.35 -37.17 -0.15
C LYS A 301 -25.10 -38.51 0.54
N ASP A 302 -24.12 -39.29 0.09
CA ASP A 302 -23.80 -40.56 0.72
C ASP A 302 -22.30 -40.81 0.64
N ALA A 303 -21.87 -41.88 1.30
CA ALA A 303 -20.45 -42.19 1.37
C ALA A 303 -19.87 -42.60 0.01
N ALA A 304 -20.68 -43.25 -0.84
CA ALA A 304 -20.18 -43.71 -2.13
C ALA A 304 -19.90 -42.53 -3.07
N THR A 305 -20.84 -41.58 -3.13
CA THR A 305 -20.60 -40.35 -3.91
C THR A 305 -19.36 -39.63 -3.40
N ALA A 306 -19.21 -39.52 -2.08
CA ALA A 306 -18.03 -38.85 -1.51
C ALA A 306 -16.75 -39.50 -1.99
N GLN A 307 -16.69 -40.84 -1.94
CA GLN A 307 -15.49 -41.54 -2.37
C GLN A 307 -15.26 -41.35 -3.87
N THR A 308 -16.30 -41.46 -4.68
CA THR A 308 -16.15 -41.33 -6.13
C THR A 308 -15.78 -39.91 -6.52
N LEU A 309 -16.33 -38.92 -5.80
CA LEU A 309 -15.95 -37.53 -6.06
C LEU A 309 -14.49 -37.28 -5.69
N GLN A 310 -14.06 -37.84 -4.56
CA GLN A 310 -12.64 -37.78 -4.20
C GLN A 310 -11.78 -38.43 -5.28
N ALA A 311 -12.19 -39.61 -5.75
CA ALA A 311 -11.41 -40.32 -6.75
C ALA A 311 -11.32 -39.53 -8.04
N PHE A 312 -12.45 -38.99 -8.51
CA PHE A 312 -12.44 -38.26 -9.78
C PHE A 312 -11.57 -37.01 -9.68
N LEU A 313 -11.70 -36.25 -8.60
CA LEU A 313 -10.92 -35.03 -8.44
C LEU A 313 -9.43 -35.33 -8.31
N HIS A 314 -9.07 -36.37 -7.56
CA HIS A 314 -7.66 -36.75 -7.48
C HIS A 314 -7.13 -37.20 -8.83
N TRP A 315 -7.95 -37.94 -9.60
CA TRP A 315 -7.52 -38.36 -10.93
C TRP A 315 -7.29 -37.17 -11.84
N ALA A 316 -8.12 -36.12 -11.72
CA ALA A 316 -8.04 -34.99 -12.64
C ALA A 316 -6.81 -34.14 -12.39
N ILE A 317 -6.41 -33.98 -11.12
CA ILE A 317 -5.19 -33.24 -10.85
C ILE A 317 -3.95 -34.09 -11.01
N THR A 318 -4.10 -35.36 -11.38
CA THR A 318 -2.96 -36.24 -11.59
C THR A 318 -2.91 -36.70 -13.05
N ASP A 319 -3.56 -37.83 -13.36
CA ASP A 319 -3.59 -38.30 -14.73
C ASP A 319 -4.28 -37.31 -15.65
N GLY A 320 -5.25 -36.54 -15.12
CA GLY A 320 -5.92 -35.54 -15.90
C GLY A 320 -5.11 -34.28 -16.15
N ASN A 321 -3.99 -34.12 -15.45
CA ASN A 321 -3.10 -33.00 -15.68
C ASN A 321 -1.96 -33.35 -16.63
N LYS A 322 -1.92 -34.56 -17.16
CA LYS A 322 -0.93 -34.92 -18.16
C LYS A 322 -1.13 -34.08 -19.41
N ALA A 323 -0.03 -33.82 -20.13
CA ALA A 323 -0.09 -32.93 -21.28
C ALA A 323 -1.05 -33.43 -22.34
N SER A 324 -1.21 -34.75 -22.47
CA SER A 324 -2.14 -35.31 -23.46
C SER A 324 -3.56 -34.79 -23.25
N PHE A 325 -3.93 -34.44 -22.01
CA PHE A 325 -5.18 -33.74 -21.78
C PHE A 325 -5.04 -32.22 -21.91
N LEU A 326 -4.08 -31.63 -21.20
CA LEU A 326 -4.07 -30.19 -21.03
C LEU A 326 -3.62 -29.45 -22.29
N ASP A 327 -2.81 -30.08 -23.14
CA ASP A 327 -2.40 -29.43 -24.38
C ASP A 327 -3.58 -29.21 -25.32
N GLN A 328 -4.66 -29.97 -25.18
CA GLN A 328 -5.82 -29.81 -26.07
C GLN A 328 -6.60 -28.53 -25.80
N VAL A 329 -6.37 -27.87 -24.67
CA VAL A 329 -7.06 -26.62 -24.36
C VAL A 329 -6.05 -25.56 -23.95
N HIS A 330 -4.77 -25.85 -24.16
CA HIS A 330 -3.67 -24.91 -23.87
C HIS A 330 -3.61 -24.53 -22.39
N PHE A 331 -3.92 -25.48 -21.52
CA PHE A 331 -3.83 -25.26 -20.08
C PHE A 331 -2.46 -25.69 -19.57
N GLN A 332 -2.20 -25.35 -18.31
CA GLN A 332 -0.93 -25.71 -17.68
C GLN A 332 -1.20 -26.53 -16.42
N PRO A 333 -0.31 -27.47 -16.09
CA PRO A 333 -0.54 -28.31 -14.92
C PRO A 333 -0.31 -27.56 -13.62
N LEU A 334 -0.94 -28.07 -12.57
CA LEU A 334 -0.66 -27.57 -11.24
C LEU A 334 0.77 -27.93 -10.84
N PRO A 335 1.56 -27.00 -10.36
CA PRO A 335 2.86 -27.35 -9.78
C PRO A 335 2.68 -28.28 -8.59
N PRO A 336 3.70 -29.08 -8.26
CA PRO A 336 3.52 -30.10 -7.22
C PRO A 336 3.08 -29.56 -5.88
N ALA A 337 3.49 -28.33 -5.52
CA ALA A 337 3.05 -27.77 -4.25
C ALA A 337 1.54 -27.52 -4.27
N VAL A 338 1.02 -27.00 -5.38
CA VAL A 338 -0.42 -26.77 -5.48
C VAL A 338 -1.18 -28.08 -5.59
N VAL A 339 -0.54 -29.14 -6.09
CA VAL A 339 -1.20 -30.44 -6.18
C VAL A 339 -1.51 -30.95 -4.77
N LYS A 340 -0.54 -30.87 -3.87
CA LYS A 340 -0.76 -31.35 -2.51
C LYS A 340 -1.80 -30.50 -1.80
N LEU A 341 -1.85 -29.20 -2.08
CA LEU A 341 -2.87 -28.34 -1.48
C LEU A 341 -4.26 -28.79 -1.90
N SER A 342 -4.44 -29.15 -3.18
CA SER A 342 -5.73 -29.63 -3.64
C SER A 342 -6.11 -30.94 -2.94
N ASP A 343 -5.15 -31.86 -2.83
CA ASP A 343 -5.40 -33.13 -2.15
C ASP A 343 -5.95 -32.92 -0.75
N ALA A 344 -5.45 -31.88 -0.05
CA ALA A 344 -5.90 -31.63 1.31
C ALA A 344 -7.38 -31.29 1.35
N LEU A 345 -7.85 -30.46 0.41
CA LEU A 345 -9.27 -30.12 0.38
C LEU A 345 -10.10 -31.31 -0.06
N ILE A 346 -9.58 -32.11 -1.00
CA ILE A 346 -10.32 -33.28 -1.48
C ILE A 346 -10.47 -34.29 -0.36
N ALA A 347 -9.45 -34.45 0.48
CA ALA A 347 -9.50 -35.41 1.56
C ALA A 347 -10.62 -35.11 2.55
N THR A 348 -11.06 -33.85 2.65
CA THR A 348 -12.13 -33.49 3.57
C THR A 348 -13.51 -33.75 2.99
N ILE A 349 -13.60 -34.23 1.75
CA ILE A 349 -14.91 -34.52 1.14
C ILE A 349 -15.46 -35.78 1.78
N SER A 350 -16.47 -35.64 2.63
CA SER A 350 -17.04 -36.76 3.36
C SER A 350 -18.53 -36.87 3.10
N SER A 351 -19.27 -37.47 4.04
CA SER A 351 -20.71 -37.62 3.91
C SER A 351 -21.42 -37.32 5.23
N SER B 5 15.60 -2.61 8.46
CA SER B 5 15.80 -2.19 7.07
C SER B 5 16.39 -3.32 6.22
N VAL B 6 15.52 -4.20 5.73
CA VAL B 6 15.98 -5.37 4.99
C VAL B 6 16.45 -5.00 3.58
N LEU B 7 15.78 -4.05 2.94
CA LEU B 7 16.23 -3.55 1.65
C LEU B 7 17.29 -2.47 1.85
N THR B 8 18.24 -2.40 0.94
CA THR B 8 19.43 -1.56 1.09
C THR B 8 19.37 -0.38 0.14
N GLN B 9 19.26 0.81 0.70
CA GLN B 9 19.39 2.07 -0.02
C GLN B 9 20.59 2.82 0.53
N THR B 10 21.21 3.64 -0.31
CA THR B 10 22.21 4.55 0.22
C THR B 10 21.54 5.50 1.20
N PRO B 11 22.14 5.76 2.37
CA PRO B 11 21.49 6.66 3.33
C PRO B 11 21.35 8.08 2.83
N SER B 12 22.25 8.55 1.96
CA SER B 12 22.22 9.92 1.49
C SER B 12 22.55 9.98 0.01
N ALA B 13 21.77 10.77 -0.72
CA ALA B 13 22.01 11.02 -2.12
C ALA B 13 21.85 12.51 -2.39
N SER B 14 22.60 13.01 -3.36
CA SER B 14 22.56 14.43 -3.66
C SER B 14 22.56 14.63 -5.16
N GLY B 15 22.04 15.78 -5.57
CA GLY B 15 22.12 16.19 -6.96
C GLY B 15 22.09 17.70 -7.05
N THR B 16 22.63 18.20 -8.16
CA THR B 16 22.49 19.60 -8.52
C THR B 16 21.11 19.84 -9.16
N PRO B 17 20.59 21.07 -9.05
CA PRO B 17 19.30 21.36 -9.68
C PRO B 17 19.30 21.06 -11.17
N GLY B 18 18.23 20.43 -11.64
CA GLY B 18 18.06 20.10 -13.03
C GLY B 18 18.58 18.75 -13.44
N GLN B 19 19.39 18.10 -12.62
CA GLN B 19 19.90 16.79 -12.97
C GLN B 19 18.92 15.70 -12.56
N ARG B 20 19.14 14.50 -13.09
CA ARG B 20 18.39 13.33 -12.69
C ARG B 20 19.16 12.57 -11.62
N VAL B 21 18.52 12.35 -10.47
CA VAL B 21 19.09 11.60 -9.37
C VAL B 21 18.47 10.21 -9.37
N THR B 22 19.31 9.19 -9.24
CA THR B 22 18.86 7.80 -9.21
C THR B 22 19.14 7.21 -7.83
N ILE B 23 18.11 6.61 -7.24
CA ILE B 23 18.19 5.96 -5.92
C ILE B 23 17.99 4.47 -6.12
N SER B 24 19.01 3.69 -5.81
CA SER B 24 18.93 2.26 -5.96
C SER B 24 18.38 1.63 -4.70
N CYS B 25 17.74 0.48 -4.87
CA CYS B 25 17.19 -0.29 -3.76
C CYS B 25 17.49 -1.75 -4.04
N SER B 26 18.38 -2.34 -3.24
CA SER B 26 18.84 -3.70 -3.48
C SER B 26 18.18 -4.63 -2.47
N GLY B 27 17.51 -5.67 -2.97
CA GLY B 27 16.89 -6.67 -2.13
C GLY B 27 17.40 -8.06 -2.40
N SER B 28 16.51 -9.04 -2.41
CA SER B 28 16.87 -10.42 -2.67
C SER B 28 15.76 -11.09 -3.46
N ARG B 29 16.00 -12.34 -3.85
CA ARG B 29 15.01 -13.11 -4.59
C ARG B 29 13.67 -13.16 -3.86
N SER B 30 13.70 -13.17 -2.53
CA SER B 30 12.49 -13.40 -1.75
C SER B 30 11.56 -12.19 -1.75
N ASN B 31 12.10 -10.96 -1.78
CA ASN B 31 11.28 -9.77 -1.74
C ASN B 31 11.26 -9.15 -3.11
N ILE B 32 12.22 -8.30 -3.47
CA ILE B 32 12.18 -7.61 -4.76
C ILE B 32 12.22 -8.62 -5.90
N GLY B 33 13.00 -9.70 -5.73
CA GLY B 33 13.14 -10.68 -6.80
C GLY B 33 11.85 -11.39 -7.17
N SER B 34 10.80 -11.25 -6.36
CA SER B 34 9.56 -11.97 -6.61
C SER B 34 8.30 -11.13 -6.43
N ASN B 35 8.43 -9.83 -6.13
CA ASN B 35 7.28 -9.01 -5.77
C ASN B 35 7.42 -7.61 -6.37
N TYR B 36 6.27 -6.98 -6.55
CA TYR B 36 6.23 -5.59 -6.99
C TYR B 36 6.93 -4.68 -5.97
N VAL B 37 7.54 -3.62 -6.47
CA VAL B 37 8.27 -2.66 -5.64
C VAL B 37 7.44 -1.38 -5.55
N TYR B 38 7.52 -0.73 -4.39
CA TYR B 38 6.74 0.47 -4.11
C TYR B 38 7.66 1.54 -3.51
N TRP B 39 7.49 2.77 -3.97
CA TRP B 39 8.35 3.88 -3.56
C TRP B 39 7.53 4.95 -2.84
N PHE B 40 8.12 5.55 -1.82
CA PHE B 40 7.46 6.56 -1.01
C PHE B 40 8.35 7.78 -0.83
N GLN B 41 7.70 8.92 -0.62
CA GLN B 41 8.37 10.19 -0.35
C GLN B 41 7.86 10.71 0.98
N GLN B 42 8.78 11.17 1.83
CA GLN B 42 8.39 11.70 3.14
C GLN B 42 9.17 12.98 3.41
N PHE B 43 8.44 14.04 3.71
CA PHE B 43 9.01 15.30 4.14
C PHE B 43 9.13 15.34 5.65
N PRO B 44 10.00 16.18 6.19
CA PRO B 44 10.09 16.33 7.65
C PRO B 44 8.74 16.71 8.23
N GLY B 45 8.29 15.91 9.20
CA GLY B 45 7.07 16.18 9.93
C GLY B 45 5.80 15.63 9.31
N ALA B 46 5.87 15.10 8.09
CA ALA B 46 4.69 14.63 7.39
C ALA B 46 4.72 13.12 7.24
N ALA B 47 3.58 12.58 6.80
CA ALA B 47 3.46 11.16 6.51
C ALA B 47 4.07 10.84 5.16
N PRO B 48 4.54 9.61 4.97
CA PRO B 48 4.99 9.19 3.64
C PRO B 48 3.86 9.33 2.63
N GLN B 49 4.23 9.56 1.37
CA GLN B 49 3.26 9.58 0.28
C GLN B 49 3.73 8.64 -0.82
N LEU B 50 2.76 8.01 -1.48
CA LEU B 50 3.08 7.03 -2.50
C LEU B 50 3.58 7.73 -3.77
N LEU B 51 4.75 7.32 -4.24
CA LEU B 51 5.38 7.91 -5.42
C LEU B 51 5.27 7.00 -6.64
N ILE B 52 5.62 5.74 -6.47
CA ILE B 52 5.59 4.74 -7.53
C ILE B 52 5.05 3.45 -6.93
N TYR B 53 4.15 2.80 -7.64
CA TYR B 53 3.64 1.51 -7.22
C TYR B 53 3.83 0.53 -8.36
N ARG B 54 3.93 -0.76 -8.00
CA ARG B 54 4.01 -1.86 -8.96
C ARG B 54 5.13 -1.61 -9.98
N ASN B 55 6.32 -1.40 -9.43
CA ASN B 55 7.58 -1.23 -10.17
C ASN B 55 7.67 0.11 -10.90
N ILE B 56 6.73 0.38 -11.80
CA ILE B 56 6.89 1.51 -12.72
C ILE B 56 5.67 2.44 -12.73
N GLN B 57 4.57 2.01 -12.13
CA GLN B 57 3.33 2.76 -12.24
C GLN B 57 3.35 4.04 -11.40
N ARG B 58 2.79 5.10 -11.95
CA ARG B 58 2.80 6.42 -11.31
C ARG B 58 1.38 6.84 -10.96
N PRO B 59 1.09 7.16 -9.70
CA PRO B 59 -0.26 7.64 -9.36
C PRO B 59 -0.55 8.97 -10.02
N SER B 60 -1.83 9.24 -10.26
CA SER B 60 -2.24 10.57 -10.68
C SER B 60 -1.73 11.61 -9.69
N GLY B 61 -1.37 12.77 -10.22
CA GLY B 61 -0.85 13.83 -9.39
C GLY B 61 0.64 13.79 -9.14
N VAL B 62 1.26 12.62 -9.23
CA VAL B 62 2.72 12.54 -9.14
C VAL B 62 3.30 12.94 -10.49
N PRO B 63 4.19 13.92 -10.54
CA PRO B 63 4.71 14.40 -11.83
C PRO B 63 5.54 13.33 -12.54
N ALA B 64 5.60 13.47 -13.86
CA ALA B 64 6.22 12.46 -14.71
C ALA B 64 7.74 12.45 -14.63
N ARG B 65 8.36 13.41 -13.94
CA ARG B 65 9.81 13.34 -13.77
C ARG B 65 10.22 12.32 -12.72
N PHE B 66 9.27 11.80 -11.94
CA PHE B 66 9.53 10.67 -11.07
C PHE B 66 9.31 9.40 -11.87
N SER B 67 10.26 8.47 -11.79
CA SER B 67 10.24 7.28 -12.61
C SER B 67 10.77 6.11 -11.79
N GLY B 68 10.36 4.90 -12.18
CA GLY B 68 10.82 3.70 -11.50
C GLY B 68 11.19 2.62 -12.50
N SER B 69 12.03 1.70 -12.03
CA SER B 69 12.43 0.55 -12.83
C SER B 69 12.76 -0.61 -11.88
N LYS B 70 12.91 -1.79 -12.46
CA LYS B 70 13.25 -2.97 -11.67
C LYS B 70 14.12 -3.90 -12.50
N SER B 71 15.11 -4.52 -11.83
CA SER B 71 16.04 -5.44 -12.48
C SER B 71 16.35 -6.56 -11.48
N ASP B 72 15.69 -7.71 -11.64
CA ASP B 72 15.95 -8.88 -10.83
C ASP B 72 15.67 -8.62 -9.36
N THR B 73 16.73 -8.56 -8.54
CA THR B 73 16.60 -8.29 -7.13
C THR B 73 16.84 -6.82 -6.78
N SER B 74 16.83 -5.95 -7.78
CA SER B 74 17.11 -4.54 -7.56
CA SER B 74 17.11 -4.53 -7.57
C SER B 74 16.05 -3.68 -8.25
N ALA B 75 15.81 -2.51 -7.67
CA ALA B 75 14.88 -1.54 -8.22
C ALA B 75 15.51 -0.15 -8.08
N SER B 76 14.99 0.79 -8.86
CA SER B 76 15.55 2.13 -8.92
C SER B 76 14.45 3.17 -9.06
N LEU B 77 14.60 4.26 -8.31
CA LEU B 77 13.79 5.46 -8.46
C LEU B 77 14.62 6.54 -9.11
N ALA B 78 14.09 7.16 -10.17
CA ALA B 78 14.78 8.23 -10.87
C ALA B 78 14.00 9.53 -10.70
N ILE B 79 14.67 10.56 -10.21
CA ILE B 79 14.08 11.89 -10.04
C ILE B 79 14.69 12.78 -11.11
N SER B 80 13.97 12.99 -12.20
CA SER B 80 14.45 13.86 -13.27
C SER B 80 14.14 15.32 -12.94
N GLY B 81 14.95 16.22 -13.50
CA GLY B 81 14.79 17.64 -13.29
C GLY B 81 14.74 18.02 -11.83
N LEU B 82 15.73 17.58 -11.07
CA LEU B 82 15.75 17.75 -9.63
C LEU B 82 15.45 19.21 -9.25
N ARG B 83 14.60 19.36 -8.23
CA ARG B 83 14.16 20.66 -7.76
C ARG B 83 14.40 20.76 -6.27
N SER B 84 14.49 21.99 -5.78
CA SER B 84 14.64 22.20 -4.34
C SER B 84 13.49 21.55 -3.57
N GLU B 85 12.28 21.57 -4.14
CA GLU B 85 11.13 20.96 -3.48
C GLU B 85 11.24 19.45 -3.35
N ASP B 86 12.25 18.83 -3.97
CA ASP B 86 12.42 17.38 -3.90
C ASP B 86 13.27 16.93 -2.73
N GLU B 87 13.77 17.85 -1.91
CA GLU B 87 14.56 17.48 -0.75
C GLU B 87 13.65 16.74 0.24
N ALA B 88 13.90 15.45 0.42
CA ALA B 88 13.05 14.61 1.27
C ALA B 88 13.74 13.26 1.44
N HIS B 89 13.13 12.41 2.26
CA HIS B 89 13.52 11.02 2.37
C HIS B 89 12.72 10.17 1.39
N TYR B 90 13.36 9.15 0.83
CA TYR B 90 12.72 8.25 -0.12
C TYR B 90 12.91 6.82 0.35
N TYR B 91 11.81 6.07 0.47
CA TYR B 91 11.86 4.68 0.93
C TYR B 91 11.39 3.76 -0.17
N CYS B 92 12.08 2.65 -0.37
CA CYS B 92 11.49 1.57 -1.15
C CYS B 92 10.88 0.52 -0.23
N ALA B 93 10.04 -0.34 -0.82
CA ALA B 93 9.27 -1.29 -0.05
C ALA B 93 8.79 -2.40 -0.98
N ALA B 94 8.65 -3.60 -0.41
CA ALA B 94 8.15 -4.75 -1.17
C ALA B 94 7.73 -5.84 -0.19
N TRP B 95 6.82 -6.68 -0.67
CA TRP B 95 6.47 -7.90 0.05
C TRP B 95 7.64 -8.87 0.02
N ASP B 96 7.79 -9.64 1.10
CA ASP B 96 8.86 -10.62 1.22
C ASP B 96 8.24 -12.00 1.42
N ASP B 97 8.47 -12.90 0.45
CA ASP B 97 7.86 -14.22 0.48
C ASP B 97 8.33 -15.04 1.68
N SER B 98 9.59 -14.90 2.07
CA SER B 98 10.11 -15.71 3.17
C SER B 98 9.52 -15.29 4.50
N LEU B 99 9.45 -13.99 4.75
CA LEU B 99 8.92 -13.48 6.00
C LEU B 99 7.40 -13.47 6.02
N SER B 100 6.75 -13.46 4.85
CA SER B 100 5.34 -13.13 4.73
C SER B 100 5.05 -11.82 5.47
N GLY B 101 5.79 -10.79 5.09
CA GLY B 101 5.60 -9.45 5.61
C GLY B 101 6.20 -8.45 4.66
N VAL B 102 5.87 -7.18 4.89
CA VAL B 102 6.45 -6.09 4.12
C VAL B 102 7.84 -5.79 4.63
N VAL B 103 8.78 -5.53 3.72
CA VAL B 103 10.10 -5.03 4.10
C VAL B 103 10.29 -3.67 3.46
N PHE B 104 11.01 -2.81 4.17
CA PHE B 104 11.33 -1.47 3.73
C PHE B 104 12.85 -1.35 3.52
N GLY B 105 13.24 -0.42 2.65
CA GLY B 105 14.59 0.07 2.70
C GLY B 105 14.76 1.10 3.80
N GLY B 106 16.01 1.36 4.18
CA GLY B 106 16.28 2.28 5.28
C GLY B 106 15.98 3.74 4.97
N GLY B 107 15.63 4.06 3.73
CA GLY B 107 15.39 5.43 3.36
C GLY B 107 16.64 6.11 2.85
N THR B 108 16.49 6.90 1.79
CA THR B 108 17.57 7.71 1.26
C THR B 108 17.22 9.17 1.47
N LYS B 109 18.07 9.87 2.20
CA LYS B 109 17.92 11.31 2.40
C LYS B 109 18.50 12.04 1.19
N VAL B 110 17.67 12.82 0.52
CA VAL B 110 18.03 13.46 -0.73
C VAL B 110 18.21 14.95 -0.50
N THR B 111 19.44 15.44 -0.68
CA THR B 111 19.72 16.86 -0.60
C THR B 111 19.88 17.43 -1.99
N VAL B 112 19.28 18.58 -2.22
CA VAL B 112 19.43 19.32 -3.46
C VAL B 112 20.51 20.37 -3.25
N LEU B 113 21.61 20.26 -3.99
CA LEU B 113 22.74 21.14 -3.79
C LEU B 113 22.43 22.55 -4.31
N GLY B 114 23.23 23.52 -3.84
CA GLY B 114 23.11 24.89 -4.28
C GLY B 114 22.55 25.83 -3.24
N GLN B 115 22.19 25.34 -2.06
CA GLN B 115 21.64 26.20 -1.03
C GLN B 115 22.68 27.25 -0.61
N PRO B 116 22.33 28.53 -0.63
CA PRO B 116 23.31 29.55 -0.25
C PRO B 116 23.51 29.60 1.27
N LYS B 117 24.72 30.00 1.66
CA LYS B 117 25.04 30.16 3.07
C LYS B 117 24.12 31.22 3.68
N ALA B 118 23.64 30.94 4.88
CA ALA B 118 22.70 31.83 5.56
C ALA B 118 23.08 31.94 7.03
N ALA B 119 23.45 33.15 7.45
CA ALA B 119 23.70 33.40 8.86
C ALA B 119 22.42 33.19 9.66
N PRO B 120 22.53 32.83 10.93
CA PRO B 120 21.33 32.55 11.72
C PRO B 120 20.66 33.81 12.26
N SER B 121 19.34 33.75 12.34
CA SER B 121 18.55 34.75 13.06
C SER B 121 18.41 34.29 14.50
N VAL B 122 18.62 35.21 15.44
CA VAL B 122 18.61 34.88 16.86
C VAL B 122 17.60 35.78 17.57
N THR B 123 16.75 35.17 18.38
CA THR B 123 15.86 35.89 19.27
C THR B 123 16.07 35.35 20.68
N LEU B 124 16.34 36.25 21.61
CA LEU B 124 16.56 35.89 23.01
C LEU B 124 15.44 36.46 23.85
N PHE B 125 14.92 35.64 24.77
CA PHE B 125 13.87 36.11 25.64
C PHE B 125 14.33 36.07 27.09
N PRO B 126 14.04 37.11 27.86
CA PRO B 126 14.29 37.07 29.30
C PRO B 126 13.32 36.10 29.96
N PRO B 127 13.53 35.75 31.23
CA PRO B 127 12.55 34.91 31.91
C PRO B 127 11.29 35.72 32.18
N SER B 128 10.14 35.06 32.04
CA SER B 128 8.88 35.72 32.31
C SER B 128 8.76 36.01 33.80
N SER B 129 8.12 37.13 34.13
CA SER B 129 7.87 37.42 35.54
C SER B 129 7.02 36.33 36.17
N GLU B 130 6.11 35.72 35.39
CA GLU B 130 5.29 34.63 35.90
C GLU B 130 6.15 33.47 36.37
N GLU B 131 7.14 33.09 35.56
CA GLU B 131 8.10 32.08 35.98
C GLU B 131 8.94 32.57 37.17
N LEU B 132 9.22 33.87 37.22
CA LEU B 132 9.96 34.42 38.36
C LEU B 132 9.16 34.29 39.64
N GLN B 133 7.83 34.48 39.58
CA GLN B 133 6.99 34.27 40.75
C GLN B 133 7.01 32.81 41.21
N ALA B 134 7.30 31.88 40.31
CA ALA B 134 7.46 30.48 40.67
C ALA B 134 8.87 30.14 41.13
N ASN B 135 9.69 31.15 41.41
CA ASN B 135 11.07 30.96 41.89
C ASN B 135 11.92 30.23 40.85
N LYS B 136 11.62 30.42 39.57
CA LYS B 136 12.36 29.82 38.49
C LYS B 136 12.73 30.91 37.49
N ALA B 137 13.70 30.60 36.63
CA ALA B 137 14.13 31.51 35.58
C ALA B 137 14.73 30.70 34.45
N THR B 138 14.34 31.03 33.22
CA THR B 138 14.84 30.36 32.03
C THR B 138 14.98 31.36 30.91
N LEU B 139 16.15 31.41 30.30
CA LEU B 139 16.37 32.22 29.11
C LEU B 139 16.18 31.36 27.87
N VAL B 140 15.50 31.91 26.87
CA VAL B 140 15.15 31.17 25.67
C VAL B 140 15.84 31.84 24.48
N CYS B 141 16.73 31.10 23.82
CA CYS B 141 17.47 31.60 22.66
C CYS B 141 17.04 30.79 21.45
N LEU B 142 16.37 31.44 20.49
CA LEU B 142 15.80 30.79 19.33
C LEU B 142 16.64 31.14 18.09
N ILE B 143 17.16 30.10 17.43
CA ILE B 143 18.08 30.23 16.30
C ILE B 143 17.43 29.63 15.07
N SER B 144 17.31 30.42 14.00
CA SER B 144 16.53 29.99 12.84
C SER B 144 17.15 30.50 11.55
N ASP B 145 16.80 29.81 10.46
CA ASP B 145 17.09 30.25 9.08
C ASP B 145 18.59 30.28 8.79
N PHE B 146 19.34 29.33 9.35
CA PHE B 146 20.76 29.24 9.06
C PHE B 146 21.06 28.01 8.21
N TYR B 147 22.10 28.13 7.37
CA TYR B 147 22.60 27.08 6.49
C TYR B 147 24.07 27.32 6.20
N PRO B 148 24.93 26.28 6.25
CA PRO B 148 24.64 24.87 6.58
C PRO B 148 24.18 24.68 8.02
N GLY B 149 23.66 23.50 8.33
CA GLY B 149 22.98 23.27 9.58
C GLY B 149 23.87 22.85 10.73
N ALA B 150 24.95 23.60 10.94
CA ALA B 150 25.87 23.36 12.04
C ALA B 150 26.00 24.66 12.82
N VAL B 151 25.90 24.57 14.14
CA VAL B 151 25.95 25.76 14.97
C VAL B 151 26.42 25.37 16.37
N THR B 152 27.09 26.30 17.04
CA THR B 152 27.46 26.14 18.43
C THR B 152 27.00 27.37 19.20
N VAL B 153 26.45 27.14 20.39
CA VAL B 153 25.91 28.21 21.22
C VAL B 153 26.75 28.33 22.47
N ALA B 154 26.97 29.57 22.91
CA ALA B 154 27.68 29.87 24.14
C ALA B 154 26.87 30.87 24.93
N TRP B 155 26.87 30.73 26.25
CA TRP B 155 26.14 31.65 27.12
C TRP B 155 27.13 32.44 27.97
N LYS B 156 26.73 33.67 28.28
CA LYS B 156 27.60 34.62 28.99
C LYS B 156 26.78 35.31 30.06
N ALA B 157 27.33 35.36 31.26
CA ALA B 157 26.83 36.26 32.29
C ALA B 157 27.70 37.51 32.26
N ASP B 158 27.12 38.65 31.89
CA ASP B 158 27.91 39.84 31.57
C ASP B 158 28.94 39.49 30.51
N SER B 159 30.21 39.42 30.93
CA SER B 159 31.29 39.07 30.03
C SER B 159 31.82 37.65 30.23
N SER B 160 31.52 37.03 31.37
CA SER B 160 32.17 35.72 31.51
C SER B 160 31.18 34.59 31.28
N PRO B 161 31.63 33.49 30.69
CA PRO B 161 30.69 32.48 30.18
C PRO B 161 30.02 31.66 31.27
N VAL B 162 28.73 31.38 31.03
CA VAL B 162 27.96 30.42 31.83
C VAL B 162 27.99 29.08 31.12
N LYS B 163 28.18 28.01 31.89
CA LYS B 163 28.24 26.68 31.30
C LYS B 163 27.23 25.75 31.95
N ALA B 164 26.96 25.94 33.24
CA ALA B 164 25.97 25.14 33.92
C ALA B 164 24.56 25.54 33.50
N GLY B 165 23.65 24.56 33.49
CA GLY B 165 22.27 24.82 33.16
C GLY B 165 22.01 25.20 31.72
N VAL B 166 22.85 24.76 30.80
CA VAL B 166 22.69 25.04 29.37
C VAL B 166 22.13 23.80 28.70
N GLU B 167 21.01 23.97 27.99
CA GLU B 167 20.39 22.88 27.24
C GLU B 167 20.17 23.35 25.82
N THR B 168 20.72 22.62 24.85
CA THR B 168 20.73 23.05 23.45
C THR B 168 20.32 21.90 22.55
N THR B 169 19.50 22.20 21.55
CA THR B 169 18.99 21.19 20.64
C THR B 169 20.00 20.87 19.53
N THR B 170 19.79 19.72 18.91
CA THR B 170 20.40 19.45 17.62
C THR B 170 19.75 20.37 16.57
N PRO B 171 20.52 20.90 15.63
CA PRO B 171 19.90 21.60 14.50
C PRO B 171 18.95 20.68 13.74
N SER B 172 17.80 21.24 13.34
CA SER B 172 16.78 20.46 12.66
C SER B 172 16.35 21.17 11.40
N LYS B 173 16.08 20.39 10.35
CA LYS B 173 15.70 20.94 9.05
C LYS B 173 14.30 21.53 9.09
N GLN B 174 14.18 22.81 8.77
CA GLN B 174 12.88 23.43 8.61
C GLN B 174 12.30 23.09 7.24
N SER B 175 11.07 23.52 7.03
CA SER B 175 10.38 23.27 5.76
C SER B 175 10.96 24.14 4.65
N ASN B 177 13.90 25.42 3.24
CA ASN B 177 14.58 24.29 3.85
C ASN B 177 15.89 24.69 4.52
N LYS B 178 15.78 25.47 5.59
CA LYS B 178 16.94 25.83 6.40
C LYS B 178 16.85 25.14 7.75
N TYR B 179 17.73 25.51 8.67
CA TYR B 179 17.84 24.80 9.93
C TYR B 179 17.41 25.70 11.09
N ALA B 180 16.89 25.05 12.13
CA ALA B 180 16.51 25.73 13.35
C ALA B 180 17.14 25.02 14.53
N ALA B 181 17.48 25.81 15.55
CA ALA B 181 17.95 25.28 16.81
C ALA B 181 17.49 26.21 17.93
N SER B 182 17.54 25.70 19.16
CA SER B 182 17.22 26.54 20.30
C SER B 182 18.08 26.10 21.47
N SER B 183 18.39 27.07 22.35
CA SER B 183 19.12 26.80 23.57
C SER B 183 18.37 27.42 24.75
N TYR B 184 18.47 26.77 25.89
CA TYR B 184 17.77 27.19 27.11
C TYR B 184 18.78 27.26 28.24
N LEU B 185 18.85 28.41 28.90
CA LEU B 185 19.69 28.62 30.06
C LEU B 185 18.83 28.63 31.31
N SER B 186 19.15 27.77 32.26
CA SER B 186 18.43 27.68 33.53
C SER B 186 19.21 28.45 34.60
N LEU B 187 18.54 29.39 35.25
CA LEU B 187 19.14 30.20 36.29
C LEU B 187 18.29 30.14 37.56
N THR B 188 18.89 30.54 38.66
CA THR B 188 18.07 30.93 39.79
C THR B 188 17.63 32.38 39.61
N PRO B 189 16.44 32.74 40.07
CA PRO B 189 16.01 34.15 40.00
C PRO B 189 16.98 35.08 40.70
N GLU B 190 17.82 34.57 41.59
CA GLU B 190 18.85 35.39 42.22
C GLU B 190 20.00 35.65 41.25
N GLN B 191 20.47 34.62 40.56
CA GLN B 191 21.50 34.80 39.55
C GLN B 191 21.05 35.71 38.42
N TRP B 192 19.74 35.71 38.13
CA TRP B 192 19.25 36.44 36.96
C TRP B 192 19.43 37.95 37.12
N LYS B 193 19.11 38.49 38.30
CA LYS B 193 19.27 39.92 38.52
C LYS B 193 20.53 40.26 39.31
N SER B 194 21.29 39.26 39.75
CA SER B 194 22.61 39.57 40.30
C SER B 194 23.62 39.95 39.23
N HIS B 195 23.21 39.98 37.96
CA HIS B 195 24.07 40.37 36.84
C HIS B 195 23.39 41.48 36.05
N ARG B 196 24.20 42.23 35.32
CA ARG B 196 23.68 43.30 34.48
C ARG B 196 23.08 42.77 33.19
N SER B 197 23.57 41.64 32.69
CA SER B 197 23.14 41.15 31.38
C SER B 197 23.43 39.66 31.28
N TYR B 198 22.73 39.03 30.32
CA TYR B 198 23.05 37.69 29.86
C TYR B 198 23.00 37.70 28.34
N SER B 199 23.92 37.00 27.70
CA SER B 199 24.05 37.01 26.26
C SER B 199 23.93 35.60 25.69
N CYS B 200 23.29 35.49 24.54
CA CYS B 200 23.32 34.25 23.76
C CYS B 200 24.19 34.52 22.53
N GLN B 201 25.33 33.85 22.46
CA GLN B 201 26.21 33.91 21.30
C GLN B 201 26.03 32.65 20.46
N VAL B 202 25.81 32.85 19.17
CA VAL B 202 25.51 31.76 18.25
C VAL B 202 26.58 31.84 17.17
N THR B 203 27.53 30.89 17.20
CA THR B 203 28.63 30.87 16.25
C THR B 203 28.26 29.95 15.09
N HIS B 204 28.35 30.50 13.87
CA HIS B 204 27.96 29.78 12.67
C HIS B 204 29.05 29.97 11.62
N GLU B 205 29.84 28.93 11.39
CA GLU B 205 30.92 28.96 10.40
C GLU B 205 31.90 30.09 10.72
N GLY B 206 32.35 30.15 11.97
CA GLY B 206 33.28 31.16 12.42
C GLY B 206 32.66 32.50 12.75
N SER B 207 31.42 32.76 12.35
CA SER B 207 30.76 34.02 12.59
C SER B 207 29.78 33.88 13.74
N THR B 208 29.81 34.85 14.65
CA THR B 208 29.02 34.80 15.88
C THR B 208 27.93 35.87 15.84
N VAL B 209 26.70 35.44 16.12
CA VAL B 209 25.56 36.33 16.28
C VAL B 209 25.18 36.34 17.76
N GLU B 210 25.31 37.50 18.40
CA GLU B 210 25.07 37.62 19.83
C GLU B 210 23.84 38.50 20.09
N LYS B 211 22.87 37.95 20.79
CA LYS B 211 21.78 38.71 21.37
C LYS B 211 21.99 38.81 22.88
N THR B 212 21.48 39.87 23.48
CA THR B 212 21.68 40.14 24.89
C THR B 212 20.38 40.63 25.51
N VAL B 213 20.16 40.24 26.76
CA VAL B 213 18.95 40.61 27.49
C VAL B 213 19.35 41.13 28.86
N ALA B 214 18.51 42.02 29.40
CA ALA B 214 18.83 42.70 30.65
C ALA B 214 17.69 42.53 31.65
N PRO B 215 18.01 42.24 32.92
CA PRO B 215 16.97 42.29 33.96
C PRO B 215 16.51 43.70 34.24
N THR B 216 17.33 44.71 33.95
CA THR B 216 17.00 46.10 34.16
C THR B 216 15.88 46.54 33.21
N GLU C 1 -12.55 13.13 -0.39
CA GLU C 1 -11.16 12.69 -0.33
C GLU C 1 -10.99 11.62 0.74
N VAL C 2 -10.05 10.69 0.50
CA VAL C 2 -9.72 9.69 1.49
C VAL C 2 -9.10 10.37 2.70
N GLN C 3 -9.55 9.99 3.90
CA GLN C 3 -8.96 10.47 5.13
C GLN C 3 -8.81 9.30 6.09
N LEU C 4 -7.65 9.21 6.73
CA LEU C 4 -7.41 8.25 7.80
C LEU C 4 -6.91 9.02 9.01
N VAL C 5 -7.56 8.85 10.16
CA VAL C 5 -7.18 9.60 11.37
C VAL C 5 -6.91 8.60 12.49
N GLU C 6 -5.64 8.51 12.91
CA GLU C 6 -5.23 7.68 14.02
C GLU C 6 -5.50 8.38 15.35
N SER C 7 -5.66 7.58 16.40
CA SER C 7 -5.87 8.11 17.74
C SER C 7 -5.55 7.04 18.77
N GLY C 8 -5.42 7.46 20.03
CA GLY C 8 -5.14 6.56 21.12
C GLY C 8 -3.71 6.51 21.59
N GLY C 9 -2.79 7.22 20.92
CA GLY C 9 -1.41 7.19 21.32
C GLY C 9 -1.17 7.87 22.67
N GLY C 10 0.00 7.59 23.23
CA GLY C 10 0.39 8.21 24.50
C GLY C 10 1.55 7.45 25.13
N LEU C 11 1.55 7.45 26.46
CA LEU C 11 2.62 6.85 27.25
C LEU C 11 2.16 5.52 27.83
N VAL C 12 3.04 4.52 27.77
CA VAL C 12 2.82 3.23 28.44
C VAL C 12 4.13 2.80 29.07
N LYS C 13 4.02 2.12 30.20
CA LYS C 13 5.20 1.53 30.82
C LYS C 13 5.64 0.29 30.05
N PRO C 14 6.92 -0.07 30.12
CA PRO C 14 7.36 -1.37 29.59
C PRO C 14 6.54 -2.49 30.19
N GLY C 15 6.03 -3.37 29.32
CA GLY C 15 5.19 -4.47 29.75
C GLY C 15 3.71 -4.16 29.75
N GLY C 16 3.32 -2.90 29.62
CA GLY C 16 1.93 -2.51 29.59
C GLY C 16 1.32 -2.72 28.21
N SER C 17 0.11 -2.18 28.05
CA SER C 17 -0.64 -2.37 26.82
C SER C 17 -1.31 -1.08 26.41
N LEU C 18 -1.63 -0.98 25.13
CA LEU C 18 -2.33 0.18 24.58
C LEU C 18 -3.03 -0.25 23.30
N ARG C 19 -4.21 0.33 23.07
CA ARG C 19 -5.02 0.06 21.88
C ARG C 19 -5.12 1.32 21.02
N LEU C 20 -4.77 1.19 19.75
CA LEU C 20 -4.80 2.28 18.80
C LEU C 20 -5.98 2.14 17.84
N SER C 21 -6.54 3.28 17.41
CA SER C 21 -7.66 3.31 16.49
C SER C 21 -7.31 4.13 15.25
N CYS C 22 -8.01 3.83 14.17
CA CYS C 22 -7.90 4.56 12.92
C CYS C 22 -9.28 4.72 12.33
N ALA C 23 -9.74 5.96 12.21
CA ALA C 23 -11.04 6.27 11.62
C ALA C 23 -10.86 6.60 10.14
N ALA C 24 -11.60 5.90 9.28
CA ALA C 24 -11.43 6.02 7.84
C ALA C 24 -12.68 6.62 7.21
N SER C 25 -12.48 7.37 6.13
CA SER C 25 -13.61 7.95 5.40
C SER C 25 -13.15 8.30 3.99
N GLY C 26 -14.14 8.51 3.11
CA GLY C 26 -13.88 8.90 1.74
C GLY C 26 -13.78 7.77 0.75
N PHE C 27 -14.05 6.54 1.18
CA PHE C 27 -13.99 5.37 0.30
C PHE C 27 -14.72 4.23 0.97
N THR C 28 -15.00 3.19 0.20
CA THR C 28 -15.56 1.97 0.76
C THR C 28 -14.49 1.26 1.58
N PHE C 29 -14.61 1.35 2.91
CA PHE C 29 -13.55 0.92 3.81
C PHE C 29 -13.27 -0.57 3.69
N SER C 30 -14.31 -1.39 3.54
CA SER C 30 -14.17 -2.83 3.50
C SER C 30 -13.51 -3.32 2.21
N SER C 31 -13.33 -2.46 1.22
CA SER C 31 -12.75 -2.84 -0.06
C SER C 31 -11.23 -2.67 -0.10
N HIS C 32 -10.57 -2.52 1.04
CA HIS C 32 -9.13 -2.33 1.06
C HIS C 32 -8.51 -3.07 2.24
N ARG C 33 -7.45 -3.82 1.97
CA ARG C 33 -6.56 -4.24 3.04
C ARG C 33 -6.00 -3.02 3.72
N MET C 34 -6.10 -2.98 5.05
CA MET C 34 -5.61 -1.87 5.85
C MET C 34 -4.35 -2.29 6.60
N HIS C 35 -3.36 -1.40 6.65
CA HIS C 35 -2.09 -1.70 7.28
C HIS C 35 -1.78 -0.73 8.41
N TRP C 36 -0.92 -1.17 9.32
CA TRP C 36 -0.23 -0.28 10.24
C TRP C 36 1.25 -0.26 9.88
N VAL C 37 1.84 0.93 9.89
CA VAL C 37 3.26 1.15 9.71
C VAL C 37 3.74 2.09 10.81
N ARG C 38 4.93 1.83 11.33
CA ARG C 38 5.45 2.62 12.44
C ARG C 38 6.82 3.18 12.10
N GLN C 39 7.21 4.21 12.85
CA GLN C 39 8.46 4.92 12.60
C GLN C 39 8.99 5.45 13.91
N ALA C 40 10.08 4.86 14.40
CA ALA C 40 10.77 5.43 15.55
C ALA C 40 11.26 6.84 15.21
N PRO C 41 11.28 7.74 16.18
CA PRO C 41 11.71 9.13 15.90
C PRO C 41 13.11 9.16 15.31
N GLY C 42 13.24 9.80 14.15
CA GLY C 42 14.49 9.90 13.44
C GLY C 42 14.88 8.67 12.63
N LYS C 43 14.05 7.63 12.62
CA LYS C 43 14.40 6.36 11.99
C LYS C 43 13.56 6.14 10.73
N GLY C 44 13.70 4.95 10.14
CA GLY C 44 12.97 4.61 8.94
C GLY C 44 11.59 4.01 9.22
N LEU C 45 10.88 3.73 8.14
CA LEU C 45 9.57 3.09 8.25
C LEU C 45 9.71 1.61 8.53
N GLU C 46 8.89 1.11 9.44
CA GLU C 46 8.83 -0.32 9.73
C GLU C 46 7.37 -0.75 9.66
N TRP C 47 7.08 -1.63 8.70
CA TRP C 47 5.73 -2.18 8.59
C TRP C 47 5.41 -3.02 9.82
N VAL C 48 4.14 -3.04 10.19
CA VAL C 48 3.70 -3.70 11.43
C VAL C 48 2.73 -4.85 11.14
N SER C 49 1.71 -4.60 10.31
CA SER C 49 0.59 -5.52 10.25
C SER C 49 -0.36 -5.13 9.12
N SER C 50 -1.19 -6.08 8.70
CA SER C 50 -2.22 -5.81 7.71
C SER C 50 -3.37 -6.80 7.88
N ILE C 51 -4.57 -6.37 7.48
CA ILE C 51 -5.77 -7.18 7.64
C ILE C 51 -6.80 -6.80 6.58
N ILE C 52 -7.50 -7.80 6.06
CA ILE C 52 -8.73 -7.62 5.31
C ILE C 52 -9.94 -7.90 6.18
N SER C 53 -9.94 -9.03 6.88
CA SER C 53 -11.03 -9.41 7.77
C SER C 53 -10.54 -10.54 8.68
N SER C 54 -11.40 -10.90 9.64
CA SER C 54 -11.08 -11.99 10.55
C SER C 54 -11.09 -13.35 9.85
N ARG C 55 -11.64 -13.44 8.64
CA ARG C 55 -11.76 -14.69 7.90
C ARG C 55 -10.72 -14.85 6.81
N THR C 56 -9.79 -13.91 6.67
CA THR C 56 -8.78 -13.97 5.63
C THR C 56 -7.40 -13.89 6.28
N TYR C 57 -6.36 -13.84 5.44
CA TYR C 57 -5.00 -13.92 5.96
C TYR C 57 -4.61 -12.63 6.67
N ILE C 58 -4.02 -12.78 7.86
CA ILE C 58 -3.63 -11.66 8.70
C ILE C 58 -2.12 -11.74 8.94
N TYR C 59 -1.42 -10.65 8.69
CA TYR C 59 0.03 -10.65 8.68
C TYR C 59 0.58 -9.75 9.78
N TYR C 60 1.70 -10.18 10.36
CA TYR C 60 2.39 -9.44 11.41
C TYR C 60 3.88 -9.46 11.12
N ALA C 61 4.56 -8.36 11.42
CA ALA C 61 6.01 -8.37 11.36
C ALA C 61 6.56 -9.23 12.50
N ASP C 62 7.68 -9.91 12.22
CA ASP C 62 8.31 -10.75 13.22
C ASP C 62 8.57 -10.00 14.52
N SER C 63 8.85 -8.70 14.42
CA SER C 63 9.17 -7.92 15.61
C SER C 63 7.99 -7.79 16.56
N VAL C 64 6.76 -7.94 16.07
CA VAL C 64 5.57 -7.75 16.89
C VAL C 64 4.71 -9.00 17.00
N LYS C 65 5.00 -10.07 16.27
CA LYS C 65 4.12 -11.23 16.25
C LYS C 65 4.04 -11.87 17.63
N GLY C 66 2.82 -12.22 18.04
CA GLY C 66 2.57 -12.75 19.36
C GLY C 66 2.27 -11.71 20.43
N ARG C 67 2.49 -10.43 20.13
CA ARG C 67 2.22 -9.36 21.07
C ARG C 67 1.18 -8.37 20.59
N PHE C 68 0.88 -8.34 19.28
CA PHE C 68 0.00 -7.36 18.69
C PHE C 68 -1.21 -8.06 18.07
N THR C 69 -2.35 -7.37 18.08
CA THR C 69 -3.55 -7.82 17.42
C THR C 69 -4.05 -6.70 16.51
N ILE C 70 -4.10 -6.95 15.24
CA ILE C 70 -4.73 -6.01 14.32
C ILE C 70 -6.17 -6.48 14.12
N SER C 71 -7.09 -5.54 14.03
CA SER C 71 -8.49 -5.90 13.81
C SER C 71 -9.17 -4.70 13.19
N ARG C 72 -10.43 -4.90 12.79
CA ARG C 72 -11.18 -3.80 12.20
C ARG C 72 -12.67 -4.00 12.47
N ASP C 73 -13.39 -2.89 12.34
CA ASP C 73 -14.85 -2.87 12.45
C ASP C 73 -15.36 -2.20 11.17
N ASN C 74 -15.73 -3.03 10.18
CA ASN C 74 -16.12 -2.48 8.88
C ASN C 74 -17.38 -1.63 8.96
N SER C 75 -18.28 -1.95 9.90
CA SER C 75 -19.50 -1.15 10.03
C SER C 75 -19.21 0.28 10.46
N GLY C 76 -18.09 0.53 11.13
CA GLY C 76 -17.79 1.86 11.60
C GLY C 76 -16.54 2.47 11.03
N ASN C 77 -16.07 1.96 9.90
CA ASN C 77 -14.84 2.44 9.25
C ASN C 77 -13.70 2.61 10.26
N SER C 78 -13.40 1.52 10.97
CA SER C 78 -12.41 1.58 12.05
C SER C 78 -11.41 0.45 11.90
N LEU C 79 -10.13 0.79 12.02
CA LEU C 79 -9.04 -0.16 12.12
C LEU C 79 -8.41 -0.02 13.50
N PHE C 80 -7.97 -1.14 14.07
CA PHE C 80 -7.48 -1.17 15.44
C PHE C 80 -6.12 -1.84 15.49
N LEU C 81 -5.29 -1.40 16.44
CA LEU C 81 -4.03 -2.07 16.75
C LEU C 81 -3.95 -2.15 18.27
N GLN C 82 -4.20 -3.33 18.82
CA GLN C 82 -4.03 -3.57 20.24
C GLN C 82 -2.64 -4.14 20.50
N MET C 83 -1.89 -3.50 21.38
CA MET C 83 -0.50 -3.85 21.63
C MET C 83 -0.33 -4.34 23.05
N ASN C 84 0.40 -5.44 23.22
CA ASN C 84 0.61 -6.03 24.53
C ASN C 84 2.09 -6.28 24.76
N SER C 85 2.46 -6.38 26.03
CA SER C 85 3.85 -6.55 26.45
C SER C 85 4.77 -5.61 25.68
N LEU C 86 4.43 -4.32 25.71
CA LEU C 86 5.16 -3.33 24.93
C LEU C 86 6.59 -3.18 25.44
N ARG C 87 7.47 -2.81 24.52
CA ARG C 87 8.88 -2.64 24.85
C ARG C 87 9.31 -1.22 24.52
N VAL C 88 10.45 -0.83 25.09
CA VAL C 88 10.99 0.49 24.79
C VAL C 88 11.14 0.68 23.29
N GLU C 89 11.62 -0.35 22.58
CA GLU C 89 11.85 -0.28 21.15
C GLU C 89 10.55 -0.29 20.33
N ASP C 90 9.38 -0.36 20.97
CA ASP C 90 8.12 -0.15 20.28
C ASP C 90 7.74 1.31 20.19
N THR C 91 8.47 2.19 20.89
CA THR C 91 8.28 3.63 20.77
C THR C 91 8.39 4.04 19.32
N ALA C 92 7.34 4.69 18.80
CA ALA C 92 7.29 5.07 17.39
C ALA C 92 6.02 5.87 17.16
N VAL C 93 6.02 6.61 16.05
CA VAL C 93 4.78 7.13 15.49
C VAL C 93 4.14 6.01 14.69
N TYR C 94 2.90 5.67 15.04
CA TYR C 94 2.17 4.62 14.37
C TYR C 94 1.25 5.23 13.33
N TYR C 95 1.44 4.82 12.08
CA TYR C 95 0.67 5.28 10.94
C TYR C 95 -0.35 4.23 10.56
N CYS C 96 -1.57 4.67 10.30
CA CYS C 96 -2.58 3.86 9.66
C CYS C 96 -2.51 4.10 8.15
N ALA C 97 -2.43 3.03 7.37
CA ALA C 97 -2.25 3.17 5.93
C ALA C 97 -3.26 2.31 5.18
N ARG C 98 -3.79 2.86 4.09
CA ARG C 98 -4.65 2.07 3.21
C ARG C 98 -3.79 1.31 2.21
N GLY C 99 -4.11 0.05 2.01
CA GLY C 99 -3.37 -0.84 1.14
C GLY C 99 -4.08 -1.11 -0.17
N ASP C 100 -3.73 -2.23 -0.80
CA ASP C 100 -4.30 -2.58 -2.08
C ASP C 100 -5.80 -2.81 -1.98
N TYR C 101 -6.48 -2.66 -3.11
CA TYR C 101 -7.87 -3.06 -3.22
C TYR C 101 -8.02 -4.53 -2.86
N TYR C 102 -9.24 -4.90 -2.45
CA TYR C 102 -9.57 -6.25 -2.01
C TYR C 102 -9.87 -7.12 -3.24
N TYR C 103 -8.80 -7.65 -3.85
CA TYR C 103 -8.96 -8.63 -4.93
C TYR C 103 -9.11 -10.04 -4.37
N ASP C 104 -8.29 -10.38 -3.38
CA ASP C 104 -8.41 -11.64 -2.67
C ASP C 104 -8.05 -11.40 -1.21
N GLY C 105 -8.07 -12.47 -0.41
CA GLY C 105 -7.77 -12.33 1.00
C GLY C 105 -6.38 -12.81 1.39
N VAL C 106 -5.48 -12.97 0.42
CA VAL C 106 -4.16 -13.52 0.67
C VAL C 106 -3.04 -12.51 0.35
N ALA C 107 -3.21 -11.67 -0.66
CA ALA C 107 -2.15 -10.75 -1.05
C ALA C 107 -2.09 -9.55 -0.11
N SER C 108 -0.88 -9.02 0.08
CA SER C 108 -0.67 -7.93 1.02
C SER C 108 0.50 -7.01 0.61
N ASP C 109 0.54 -6.62 -0.67
CA ASP C 109 1.59 -5.73 -1.15
C ASP C 109 1.52 -4.37 -0.44
N PRO C 110 2.68 -3.67 -0.28
CA PRO C 110 2.69 -2.35 0.35
C PRO C 110 2.22 -1.22 -0.57
N HIS C 111 1.06 -1.43 -1.19
CA HIS C 111 0.43 -0.43 -2.06
C HIS C 111 -0.28 0.61 -1.19
N PHE C 112 0.54 1.49 -0.57
CA PHE C 112 0.06 2.39 0.47
C PHE C 112 -0.27 3.77 -0.11
N ASP C 113 -1.47 3.87 -0.69
CA ASP C 113 -1.82 5.10 -1.39
C ASP C 113 -2.38 6.19 -0.49
N ASN C 114 -2.69 5.87 0.78
CA ASN C 114 -3.18 6.88 1.71
C ASN C 114 -2.68 6.57 3.11
N TRP C 115 -2.19 7.61 3.79
CA TRP C 115 -1.63 7.51 5.13
C TRP C 115 -2.33 8.51 6.05
N GLY C 116 -2.38 8.17 7.32
CA GLY C 116 -2.81 9.13 8.33
C GLY C 116 -1.66 10.02 8.77
N GLN C 117 -1.96 10.91 9.71
CA GLN C 117 -0.93 11.77 10.30
C GLN C 117 -0.08 11.04 11.33
N GLY C 118 -0.52 9.88 11.79
CA GLY C 118 0.23 9.11 12.77
C GLY C 118 0.01 9.56 14.20
N THR C 119 0.03 8.61 15.13
CA THR C 119 -0.08 8.90 16.55
C THR C 119 1.15 8.34 17.28
N LEU C 120 1.72 9.16 18.16
CA LEU C 120 2.97 8.80 18.83
C LEU C 120 2.71 7.93 20.05
N VAL C 121 3.39 6.79 20.11
CA VAL C 121 3.37 5.91 21.27
C VAL C 121 4.75 5.91 21.90
N THR C 122 4.83 6.31 23.16
CA THR C 122 6.08 6.30 23.91
C THR C 122 5.98 5.25 25.00
N VAL C 123 6.92 4.31 24.98
CA VAL C 123 6.98 3.25 25.99
C VAL C 123 8.15 3.57 26.90
N SER C 124 7.85 3.89 28.16
CA SER C 124 8.89 4.36 29.06
C SER C 124 8.45 4.14 30.51
N SER C 125 9.46 4.00 31.38
CA SER C 125 9.21 3.90 32.82
C SER C 125 8.98 5.26 33.47
N ALA C 126 9.39 6.34 32.82
CA ALA C 126 9.22 7.68 33.39
C ALA C 126 7.75 8.08 33.39
N SER C 127 7.40 8.91 34.36
CA SER C 127 6.01 9.28 34.58
C SER C 127 5.59 10.44 33.70
N THR C 128 4.29 10.56 33.51
CA THR C 128 3.72 11.73 32.84
C THR C 128 4.00 12.99 33.66
N LYS C 129 4.31 14.10 32.95
CA LYS C 129 4.40 15.45 33.53
C LYS C 129 3.75 16.47 32.62
N GLY C 130 2.88 17.31 33.19
CA GLY C 130 2.32 18.44 32.47
C GLY C 130 3.23 19.65 32.50
N PRO C 131 3.32 20.33 31.36
CA PRO C 131 4.19 21.49 31.27
C PRO C 131 3.60 22.72 31.95
N SER C 132 4.51 23.60 32.38
CA SER C 132 4.16 24.97 32.67
C SER C 132 4.31 25.78 31.39
N VAL C 133 3.37 26.68 31.14
CA VAL C 133 3.39 27.53 29.95
C VAL C 133 3.67 28.94 30.41
N PHE C 134 4.70 29.55 29.84
CA PHE C 134 5.08 30.89 30.21
C PHE C 134 5.06 31.80 29.00
N PRO C 135 4.57 33.03 29.15
CA PRO C 135 4.59 33.96 28.01
C PRO C 135 5.99 34.49 27.77
N LEU C 136 6.30 34.69 26.49
CA LEU C 136 7.55 35.30 26.05
C LEU C 136 7.17 36.63 25.41
N ALA C 137 7.32 37.70 26.16
CA ALA C 137 6.91 39.04 25.77
C ALA C 137 8.10 39.83 25.22
N PRO C 138 7.84 40.85 24.40
CA PRO C 138 8.91 41.78 24.01
C PRO C 138 8.93 42.98 24.95
N SER C 139 10.13 43.36 25.38
CA SER C 139 10.27 44.43 26.34
C SER C 139 10.37 45.81 25.70
N SER C 140 10.71 45.88 24.41
CA SER C 140 10.76 47.16 23.71
C SER C 140 10.49 46.97 22.22
N GLY C 145 8.55 50.85 16.21
CA GLY C 145 7.54 50.88 15.18
C GLY C 145 7.47 49.61 14.36
N GLY C 146 8.60 48.92 14.25
CA GLY C 146 8.70 47.74 13.43
C GLY C 146 8.14 46.49 14.09
N THR C 147 8.54 45.34 13.55
CA THR C 147 8.03 44.06 14.02
C THR C 147 8.64 43.68 15.37
N ALA C 148 7.89 42.90 16.14
CA ALA C 148 8.34 42.34 17.40
C ALA C 148 8.13 40.83 17.38
N ALA C 149 8.74 40.15 18.34
CA ALA C 149 8.68 38.69 18.43
C ALA C 149 7.97 38.30 19.70
N LEU C 150 6.91 37.50 19.57
CA LEU C 150 6.05 37.09 20.68
C LEU C 150 6.08 35.57 20.77
N GLY C 151 6.18 35.03 21.98
CA GLY C 151 6.36 33.61 22.13
C GLY C 151 5.64 33.03 23.34
N CYS C 152 5.77 31.71 23.46
CA CYS C 152 5.30 30.96 24.62
C CYS C 152 6.29 29.85 24.91
N LEU C 153 6.66 29.72 26.17
CA LEU C 153 7.58 28.68 26.62
C LEU C 153 6.78 27.54 27.25
N VAL C 154 6.85 26.37 26.62
CA VAL C 154 6.26 25.14 27.14
C VAL C 154 7.38 24.39 27.87
N LYS C 155 7.34 24.42 29.21
CA LYS C 155 8.49 24.06 30.02
C LYS C 155 8.26 22.77 30.80
N ASP C 156 9.22 21.85 30.71
CA ASP C 156 9.30 20.65 31.56
C ASP C 156 8.05 19.77 31.41
N TYR C 157 7.95 19.11 30.26
CA TYR C 157 6.89 18.16 30.02
C TYR C 157 7.48 16.82 29.58
N PHE C 158 6.66 15.77 29.71
CA PHE C 158 7.01 14.44 29.24
C PHE C 158 5.74 13.61 29.17
N PRO C 159 5.53 12.81 28.11
CA PRO C 159 6.43 12.73 26.96
C PRO C 159 6.06 13.71 25.86
N GLU C 160 6.61 13.50 24.66
CA GLU C 160 6.10 14.14 23.47
C GLU C 160 4.76 13.52 23.12
N PRO C 161 3.91 14.23 22.35
CA PRO C 161 4.15 15.52 21.72
C PRO C 161 3.44 16.68 22.43
N VAL C 162 3.64 17.88 21.89
CA VAL C 162 2.91 19.07 22.33
C VAL C 162 2.51 19.83 21.09
N THR C 163 1.24 20.24 21.03
CA THR C 163 0.77 21.08 19.93
C THR C 163 0.57 22.50 20.43
N VAL C 164 0.93 23.47 19.59
CA VAL C 164 0.76 24.89 19.88
C VAL C 164 0.14 25.54 18.66
N SER C 165 -0.95 26.26 18.88
CA SER C 165 -1.51 27.17 17.88
C SER C 165 -1.59 28.56 18.51
N TRP C 166 -2.06 29.54 17.72
CA TRP C 166 -2.13 30.92 18.18
C TRP C 166 -3.51 31.49 17.87
N ASN C 167 -4.10 32.15 18.85
CA ASN C 167 -5.47 32.67 18.72
C ASN C 167 -6.41 31.60 18.20
N SER C 168 -6.20 30.36 18.67
CA SER C 168 -7.02 29.20 18.30
C SER C 168 -7.04 28.98 16.78
N GLY C 169 -5.91 29.25 16.13
CA GLY C 169 -5.72 28.95 14.73
C GLY C 169 -5.86 30.14 13.79
N ALA C 170 -6.36 31.27 14.28
CA ALA C 170 -6.57 32.42 13.40
C ALA C 170 -5.26 33.11 13.04
N LEU C 171 -4.22 32.98 13.86
CA LEU C 171 -2.93 33.61 13.62
C LEU C 171 -1.96 32.52 13.19
N THR C 172 -1.78 32.38 11.88
CA THR C 172 -0.91 31.34 11.32
C THR C 172 0.36 31.88 10.69
N SER C 173 0.33 33.10 10.17
CA SER C 173 1.50 33.66 9.47
C SER C 173 2.57 34.08 10.46
N GLY C 174 3.82 33.71 10.17
CA GLY C 174 4.93 34.06 11.02
C GLY C 174 5.05 33.24 12.29
N VAL C 175 4.36 32.11 12.36
CA VAL C 175 4.39 31.24 13.53
C VAL C 175 5.51 30.22 13.35
N HIS C 176 6.44 30.18 14.30
CA HIS C 176 7.56 29.24 14.28
C HIS C 176 7.57 28.53 15.63
N THR C 177 7.07 27.30 15.65
CA THR C 177 7.15 26.46 16.83
C THR C 177 8.37 25.55 16.70
N PHE C 178 9.18 25.54 17.71
CA PHE C 178 10.49 24.95 17.57
C PHE C 178 10.49 23.51 18.05
N PRO C 179 11.31 22.66 17.41
CA PRO C 179 11.53 21.31 17.96
C PRO C 179 11.97 21.39 19.41
N ALA C 180 11.46 20.47 20.22
CA ALA C 180 11.71 20.51 21.66
C ALA C 180 13.13 20.11 21.99
N VAL C 181 13.63 20.65 23.09
CA VAL C 181 14.89 20.22 23.68
C VAL C 181 14.59 19.09 24.64
N LEU C 182 15.51 18.13 24.73
CA LEU C 182 15.48 17.07 25.73
C LEU C 182 16.60 17.34 26.71
N GLN C 183 16.23 17.77 27.91
CA GLN C 183 17.20 18.19 28.91
C GLN C 183 17.79 16.98 29.62
N SER C 184 18.80 17.25 30.46
CA SER C 184 19.43 16.17 31.23
C SER C 184 18.45 15.53 32.19
N SER C 185 17.47 16.30 32.67
CA SER C 185 16.46 15.77 33.58
C SER C 185 15.57 14.72 32.92
N GLY C 186 15.63 14.58 31.60
CA GLY C 186 14.72 13.71 30.90
C GLY C 186 13.41 14.34 30.51
N LEU C 187 13.21 15.61 30.83
CA LEU C 187 12.00 16.36 30.48
C LEU C 187 12.23 17.16 29.21
N TYR C 188 11.14 17.42 28.50
CA TYR C 188 11.18 18.20 27.26
C TYR C 188 10.77 19.65 27.52
N SER C 189 11.32 20.56 26.71
CA SER C 189 10.85 21.93 26.69
C SER C 189 10.90 22.44 25.26
N LEU C 190 9.95 23.30 24.92
CA LEU C 190 9.69 23.70 23.56
C LEU C 190 9.19 25.14 23.58
N SER C 191 9.37 25.84 22.47
CA SER C 191 8.92 27.22 22.36
C SER C 191 8.26 27.45 21.02
N SER C 192 7.20 28.25 21.03
CA SER C 192 6.54 28.74 19.82
C SER C 192 6.60 30.25 19.85
N VAL C 193 7.04 30.86 18.75
CA VAL C 193 7.20 32.30 18.68
C VAL C 193 6.51 32.83 17.43
N VAL C 194 5.92 34.01 17.55
CA VAL C 194 5.24 34.66 16.43
C VAL C 194 5.80 36.06 16.29
N THR C 195 5.95 36.51 15.05
CA THR C 195 6.45 37.85 14.75
C THR C 195 5.25 38.74 14.40
N VAL C 196 5.12 39.85 15.11
CA VAL C 196 3.96 40.72 14.93
C VAL C 196 4.43 42.16 14.73
N PRO C 197 3.76 42.93 13.85
CA PRO C 197 4.12 44.34 13.61
C PRO C 197 3.60 45.26 14.71
N GLY C 202 -0.56 46.48 21.93
CA GLY C 202 -1.34 47.10 22.99
C GLY C 202 -2.84 47.07 22.75
N THR C 203 -3.24 46.87 21.49
CA THR C 203 -4.65 46.80 21.12
C THR C 203 -5.10 45.39 20.75
N GLN C 204 -4.25 44.60 20.10
CA GLN C 204 -4.58 43.23 19.74
C GLN C 204 -4.23 42.27 20.87
N THR C 205 -4.81 41.09 20.82
CA THR C 205 -4.59 40.07 21.84
C THR C 205 -3.99 38.84 21.20
N TYR C 206 -2.94 38.30 21.83
CA TYR C 206 -2.23 37.14 21.32
C TYR C 206 -2.28 36.06 22.39
N ILE C 207 -2.73 34.87 22.01
CA ILE C 207 -2.88 33.74 22.93
C ILE C 207 -2.30 32.51 22.26
N CYS C 208 -1.47 31.77 23.00
CA CYS C 208 -0.96 30.50 22.50
C CYS C 208 -1.78 29.38 23.11
N ASN C 209 -2.33 28.51 22.25
CA ASN C 209 -3.17 27.38 22.66
C ASN C 209 -2.28 26.14 22.71
N VAL C 210 -1.91 25.73 23.91
CA VAL C 210 -0.94 24.66 24.13
C VAL C 210 -1.69 23.43 24.61
N ASN C 211 -1.41 22.28 23.98
CA ASN C 211 -2.04 21.02 24.33
C ASN C 211 -0.95 19.97 24.58
N HIS C 212 -1.07 19.27 25.71
CA HIS C 212 -0.21 18.14 26.05
C HIS C 212 -1.15 17.03 26.50
N LYS C 213 -1.59 16.22 25.54
CA LYS C 213 -2.63 15.23 25.82
C LYS C 213 -2.23 14.20 26.87
N PRO C 214 -1.00 13.66 26.91
CA PRO C 214 -0.69 12.62 27.92
C PRO C 214 -0.89 13.07 29.35
N SER C 215 -0.80 14.38 29.64
CA SER C 215 -1.08 14.90 30.96
C SER C 215 -2.40 15.66 31.01
N ASN C 216 -3.21 15.59 29.94
CA ASN C 216 -4.46 16.36 29.86
C ASN C 216 -4.25 17.83 30.21
N THR C 217 -3.10 18.38 29.81
CA THR C 217 -2.80 19.79 30.01
C THR C 217 -3.19 20.55 28.74
N LYS C 218 -4.23 21.37 28.86
CA LYS C 218 -4.64 22.28 27.79
C LYS C 218 -4.67 23.69 28.36
N VAL C 219 -3.78 24.54 27.89
CA VAL C 219 -3.56 25.86 28.48
C VAL C 219 -3.67 26.91 27.39
N ASP C 220 -4.43 27.96 27.65
CA ASP C 220 -4.48 29.15 26.82
C ASP C 220 -3.83 30.27 27.61
N LYS C 221 -2.71 30.79 27.10
CA LYS C 221 -1.95 31.83 27.79
C LYS C 221 -1.82 33.03 26.87
N ARG C 222 -2.24 34.21 27.34
CA ARG C 222 -1.90 35.40 26.56
C ARG C 222 -0.46 35.82 26.78
N VAL C 223 0.00 36.62 25.82
CA VAL C 223 1.32 37.22 25.84
C VAL C 223 1.10 38.72 25.71
N GLU C 224 1.47 39.45 26.76
CA GLU C 224 1.31 40.89 26.81
C GLU C 224 2.63 41.54 27.18
N PRO C 225 2.94 42.72 26.64
CA PRO C 225 4.19 43.43 26.94
C PRO C 225 4.28 43.93 28.38
P PO4 D . -16.89 -18.91 -18.17
O1 PO4 D . -15.74 -19.83 -18.54
O2 PO4 D . -16.53 -17.50 -18.53
O3 PO4 D . -17.16 -19.01 -16.69
O4 PO4 D . -18.12 -19.33 -18.94
#